data_2R2L
#
_entry.id   2R2L
#
_cell.length_a   171.614
_cell.length_b   171.614
_cell.length_c   69.155
_cell.angle_alpha   90.000
_cell.angle_beta   90.000
_cell.angle_gamma   120.000
#
_symmetry.space_group_name_H-M   'P 61'
#
loop_
_entity.id
_entity.type
_entity.pdbx_description
1 polymer 'Farnesyltransferase subunit alpha'
2 polymer 'Farnesyltransferase subunit beta'
3 non-polymer 'ZINC ION'
4 non-polymer 'FARNESYL DIPHOSPHATE'
5 non-polymer 'methyl 4-{[{(3S)-6-cyano-1-[(1-methyl-1H-imidazol-5-yl)methyl]-1,2,3,4-tetrahydroquinolin-3-yl}(pyridin-2-ylsulfonyl)amino]methyl}piperidine-1-carboxylate'
6 water water
#
loop_
_entity_poly.entity_id
_entity_poly.type
_entity_poly.pdbx_seq_one_letter_code
_entity_poly.pdbx_strand_id
1 'polypeptide(L)'
;GFLSLDSPTYVLYRDRAEWADIDPVPQNDGPSPVVQIIYSEKFRDVYDYFRAVLQRDERSERAFKLTRDAIELNAANYTV
WHFRRVLLRSLQKDLQEEMNYITAIIEEQPKNYQVWHHRRVLVEWLKDPSQELEFIADILNQDAKNYHAWQHRQWVIQEF
RLWDNELQYVDQLLKEDVRNNSVWNQRHFVISNTTGYSDRAVLEREVQYTLEMIKLVPHNESAWNYLKGILQDRGLSRYP
NLLNQLLDLQPSHSSPYLIAFLVDIYEDMLENQCDNKEDILNKALELCEILAKEKDTIRKEYWRYIGRSLQSKHS
;
A
2 'polypeptide(L)'
;LYSLRPEHARERLQDDSVETVTSIEQAKVEEKIQEVFSSYKFNHLVPRLVLQREKHFHYLKRGLRQLTDAYECLDASRPW
LCYWILHSLELLDEPIPQIVATDVCQFLELCQSPDGGFGGGPGQYPHLAPTYAAVNALCIIGTEEAYNVINREKLLQYLY
SLKQPDGSFLMHVGGEVDVRSAYCAASVASLTNIITPDLFEGTAEWIARCQNWEGGIGGVPGMEAHGGYTFCGLAALVIL
KKERSLNLKSLLQWVTSRQMRFEGGFQGRCNKLVDGCYSFWQAGLLPLLHRALHAQGDPALSMSHWMFHQQALQEYILMC
CQCPAGGLLDKPGKSRDFYHTCYCLSGLSIAQHFGSGAMLHDVVMGVPENVLQPTHPVYNIGPDKVIQATTHFLQKPVPG
F
;
B
#
loop_
_chem_comp.id
_chem_comp.type
_chem_comp.name
_chem_comp.formula
FPP non-polymer 'FARNESYL DIPHOSPHATE' 'C15 H28 O7 P2'
PB9 non-polymer 'methyl 4-{[{(3S)-6-cyano-1-[(1-methyl-1H-imidazol-5-yl)methyl]-1,2,3,4-tetrahydroquinolin-3-yl}(pyridin-2-ylsulfonyl)amino]methyl}piperidine-1-carboxylate' 'C28 H33 N7 O4 S'
ZN non-polymer 'ZINC ION' 'Zn 2'
#
# COMPACT_ATOMS: atom_id res chain seq x y z
N GLY A 1 29.78 15.98 -22.03
CA GLY A 1 30.53 14.71 -22.18
C GLY A 1 30.10 13.65 -21.19
N PHE A 2 28.96 13.02 -21.45
CA PHE A 2 28.44 11.99 -20.55
C PHE A 2 29.02 10.60 -20.78
N LEU A 3 29.84 10.17 -19.83
CA LEU A 3 30.46 8.85 -19.88
C LEU A 3 29.47 7.94 -19.16
N SER A 4 28.63 7.26 -19.94
CA SER A 4 27.63 6.36 -19.40
C SER A 4 28.15 5.49 -18.28
N LEU A 5 27.34 5.35 -17.23
CA LEU A 5 27.68 4.52 -16.07
C LEU A 5 27.86 3.07 -16.50
N ASP A 6 27.32 2.73 -17.67
CA ASP A 6 27.42 1.37 -18.17
C ASP A 6 28.45 1.20 -19.29
N SER A 7 29.02 2.31 -19.72
CA SER A 7 30.01 2.30 -20.79
C SER A 7 31.17 1.35 -20.50
N PRO A 8 31.69 0.69 -21.55
CA PRO A 8 32.81 -0.24 -21.35
C PRO A 8 34.06 0.51 -20.85
N THR A 9 34.17 1.79 -21.19
CA THR A 9 35.32 2.58 -20.79
C THR A 9 35.04 3.54 -19.64
N TYR A 10 34.10 3.17 -18.79
CA TYR A 10 33.75 3.97 -17.63
C TYR A 10 34.89 3.85 -16.63
N VAL A 11 35.29 4.96 -16.01
CA VAL A 11 36.36 4.92 -15.04
C VAL A 11 35.88 5.53 -13.73
N LEU A 12 36.28 4.92 -12.61
CA LEU A 12 35.90 5.41 -11.29
C LEU A 12 36.24 6.88 -11.18
N TYR A 13 35.50 7.61 -10.35
CA TYR A 13 35.76 9.03 -10.17
C TYR A 13 37.11 9.30 -9.52
N ARG A 14 37.59 8.38 -8.71
CA ARG A 14 38.88 8.57 -8.06
C ARG A 14 40.04 8.44 -9.05
N ASP A 15 39.75 8.00 -10.27
CA ASP A 15 40.79 7.85 -11.27
C ASP A 15 40.62 8.93 -12.33
N ARG A 16 39.67 9.83 -12.14
CA ARG A 16 39.45 10.89 -13.12
C ARG A 16 40.24 12.14 -12.76
N ALA A 17 40.93 12.69 -13.75
CA ALA A 17 41.76 13.87 -13.57
C ALA A 17 40.98 15.14 -13.24
N GLU A 18 39.83 15.34 -13.88
CA GLU A 18 39.04 16.54 -13.62
C GLU A 18 38.38 16.55 -12.25
N TRP A 19 38.62 15.50 -11.48
CA TRP A 19 38.09 15.38 -10.12
C TRP A 19 39.20 15.24 -9.09
N ALA A 20 40.44 15.32 -9.56
CA ALA A 20 41.61 15.17 -8.70
C ALA A 20 41.73 16.19 -7.57
N ASP A 21 41.16 17.37 -7.77
CA ASP A 21 41.23 18.44 -6.78
C ASP A 21 40.41 18.20 -5.51
N ILE A 22 39.34 17.44 -5.62
CA ILE A 22 38.48 17.20 -4.46
C ILE A 22 38.64 15.84 -3.80
N ASP A 23 38.50 15.82 -2.49
CA ASP A 23 38.60 14.61 -1.69
C ASP A 23 37.23 13.99 -1.49
N PRO A 24 37.08 12.70 -1.81
CA PRO A 24 35.76 12.08 -1.63
C PRO A 24 35.46 12.00 -0.13
N VAL A 25 34.18 12.02 0.22
CA VAL A 25 33.79 11.95 1.62
C VAL A 25 33.08 10.63 1.93
N PRO A 26 33.73 9.77 2.72
CA PRO A 26 33.15 8.48 3.07
C PRO A 26 31.92 8.64 3.95
N GLN A 27 31.01 7.68 3.87
CA GLN A 27 29.79 7.72 4.65
C GLN A 27 30.01 7.31 6.10
N ASN A 28 29.54 8.15 7.02
CA ASN A 28 29.67 7.91 8.45
C ASN A 28 28.57 6.99 8.98
N ASP A 29 28.86 5.70 9.05
CA ASP A 29 27.91 4.70 9.54
C ASP A 29 28.09 4.41 11.02
N GLY A 30 29.08 5.06 11.63
CA GLY A 30 29.32 4.82 13.04
C GLY A 30 30.28 3.67 13.28
N PRO A 31 30.84 3.56 14.49
CA PRO A 31 31.78 2.50 14.87
C PRO A 31 31.17 1.10 14.88
N SER A 32 29.88 1.01 15.17
CA SER A 32 29.19 -0.28 15.20
C SER A 32 27.98 -0.27 14.27
N PRO A 33 28.22 -0.33 12.96
CA PRO A 33 27.21 -0.33 11.91
C PRO A 33 26.08 -1.36 12.01
N VAL A 34 24.90 -0.98 11.53
CA VAL A 34 23.73 -1.83 11.49
C VAL A 34 23.16 -1.69 10.08
N VAL A 35 22.52 -2.74 9.57
CA VAL A 35 21.97 -2.75 8.22
C VAL A 35 22.95 -2.06 7.27
N GLN A 36 24.21 -2.43 7.41
CA GLN A 36 25.28 -1.88 6.61
C GLN A 36 25.34 -2.58 5.26
N ILE A 37 25.21 -1.79 4.20
CA ILE A 37 25.21 -2.29 2.85
C ILE A 37 26.62 -2.41 2.30
N ILE A 38 26.99 -3.60 1.84
CA ILE A 38 28.32 -3.77 1.28
C ILE A 38 28.24 -3.29 -0.16
N TYR A 39 28.38 -1.99 -0.34
CA TYR A 39 28.30 -1.40 -1.67
C TYR A 39 29.39 -1.88 -2.61
N SER A 40 29.07 -1.91 -3.90
CA SER A 40 30.03 -2.28 -4.91
C SER A 40 30.96 -1.07 -4.95
N GLU A 41 32.13 -1.23 -5.55
CA GLU A 41 33.06 -0.12 -5.59
C GLU A 41 32.61 1.04 -6.47
N LYS A 42 31.88 0.75 -7.54
CA LYS A 42 31.37 1.80 -8.42
C LYS A 42 30.39 2.67 -7.63
N PHE A 43 29.54 2.00 -6.84
CA PHE A 43 28.55 2.69 -6.02
C PHE A 43 29.26 3.57 -4.99
N ARG A 44 30.12 2.94 -4.19
CA ARG A 44 30.87 3.65 -3.15
C ARG A 44 31.55 4.88 -3.74
N ASP A 45 32.22 4.67 -4.86
CA ASP A 45 32.94 5.73 -5.55
C ASP A 45 32.05 6.91 -5.89
N VAL A 46 30.94 6.64 -6.56
CA VAL A 46 30.02 7.72 -6.94
C VAL A 46 29.44 8.46 -5.75
N TYR A 47 28.99 7.73 -4.74
CA TYR A 47 28.40 8.38 -3.57
C TYR A 47 29.40 9.07 -2.65
N ASP A 48 30.65 8.61 -2.64
CA ASP A 48 31.65 9.26 -1.82
C ASP A 48 31.93 10.63 -2.40
N TYR A 49 31.86 10.73 -3.73
CA TYR A 49 32.10 11.99 -4.42
C TYR A 49 30.85 12.86 -4.38
N PHE A 50 29.67 12.25 -4.49
CA PHE A 50 28.43 13.01 -4.44
C PHE A 50 28.39 13.73 -3.10
N ARG A 51 28.76 13.00 -2.05
CA ARG A 51 28.75 13.56 -0.72
C ARG A 51 29.72 14.72 -0.59
N ALA A 52 30.84 14.65 -1.29
CA ALA A 52 31.83 15.72 -1.26
C ALA A 52 31.24 16.97 -1.86
N VAL A 53 30.70 16.87 -3.08
CA VAL A 53 30.10 18.04 -3.71
C VAL A 53 28.84 18.53 -2.99
N LEU A 54 28.18 17.65 -2.24
CA LEU A 54 26.98 18.06 -1.52
C LEU A 54 27.35 18.88 -0.30
N GLN A 55 28.28 18.36 0.50
CA GLN A 55 28.71 19.06 1.71
C GLN A 55 29.22 20.47 1.43
N ARG A 56 29.99 20.65 0.35
CA ARG A 56 30.49 21.98 0.05
C ARG A 56 29.52 22.75 -0.84
N ASP A 57 28.40 22.11 -1.17
CA ASP A 57 27.39 22.74 -2.01
C ASP A 57 28.01 23.30 -3.28
N GLU A 58 28.76 22.46 -3.98
CA GLU A 58 29.40 22.86 -5.23
C GLU A 58 28.40 22.75 -6.38
N ARG A 59 27.91 23.89 -6.86
CA ARG A 59 26.94 23.89 -7.94
C ARG A 59 27.62 24.06 -9.28
N SER A 60 28.29 22.99 -9.71
CA SER A 60 29.02 22.99 -10.97
C SER A 60 28.46 22.00 -11.98
N GLU A 61 28.90 22.13 -13.22
CA GLU A 61 28.46 21.25 -14.29
C GLU A 61 28.91 19.82 -14.02
N ARG A 62 30.06 19.66 -13.36
CA ARG A 62 30.54 18.32 -13.07
C ARG A 62 29.69 17.67 -11.98
N ALA A 63 29.26 18.45 -11.00
CA ALA A 63 28.43 17.90 -9.93
C ALA A 63 27.13 17.44 -10.57
N PHE A 64 26.64 18.22 -11.53
CA PHE A 64 25.41 17.93 -12.23
C PHE A 64 25.51 16.57 -12.93
N LYS A 65 26.56 16.40 -13.75
CA LYS A 65 26.75 15.14 -14.45
C LYS A 65 26.89 14.01 -13.44
N LEU A 66 27.49 14.30 -12.29
CA LEU A 66 27.67 13.29 -11.26
C LEU A 66 26.34 12.82 -10.65
N THR A 67 25.39 13.74 -10.46
CA THR A 67 24.11 13.33 -9.88
C THR A 67 23.44 12.32 -10.81
N ARG A 68 23.70 12.45 -12.10
CA ARG A 68 23.13 11.52 -13.05
C ARG A 68 23.59 10.10 -12.75
N ASP A 69 24.87 9.94 -12.38
CA ASP A 69 25.37 8.62 -12.06
C ASP A 69 24.84 8.12 -10.72
N ALA A 70 24.71 9.04 -9.77
CA ALA A 70 24.22 8.65 -8.45
C ALA A 70 22.75 8.23 -8.58
N ILE A 71 22.03 8.92 -9.45
CA ILE A 71 20.62 8.60 -9.67
C ILE A 71 20.50 7.24 -10.33
N GLU A 72 21.36 6.96 -11.30
CA GLU A 72 21.28 5.69 -11.98
C GLU A 72 21.65 4.53 -11.04
N LEU A 73 22.51 4.78 -10.06
CA LEU A 73 22.88 3.73 -9.11
C LEU A 73 21.76 3.48 -8.11
N ASN A 74 20.99 4.53 -7.80
CA ASN A 74 19.85 4.39 -6.89
C ASN A 74 18.87 5.53 -7.16
N ALA A 75 17.92 5.27 -8.06
CA ALA A 75 16.92 6.24 -8.46
C ALA A 75 16.01 6.70 -7.32
N ALA A 76 15.96 5.94 -6.23
CA ALA A 76 15.11 6.31 -5.12
C ALA A 76 15.77 7.25 -4.12
N ASN A 77 17.03 7.63 -4.38
CA ASN A 77 17.71 8.53 -3.45
C ASN A 77 17.18 9.95 -3.69
N TYR A 78 16.22 10.36 -2.86
CA TYR A 78 15.59 11.66 -3.00
C TYR A 78 16.50 12.84 -2.67
N THR A 79 17.50 12.61 -1.83
CA THR A 79 18.43 13.69 -1.50
C THR A 79 19.16 14.06 -2.80
N VAL A 80 19.58 13.05 -3.56
CA VAL A 80 20.27 13.32 -4.81
C VAL A 80 19.36 14.06 -5.77
N TRP A 81 18.10 13.61 -5.87
CA TRP A 81 17.17 14.27 -6.76
C TRP A 81 16.99 15.73 -6.38
N HIS A 82 16.97 16.01 -5.08
CA HIS A 82 16.82 17.37 -4.62
C HIS A 82 17.98 18.23 -5.10
N PHE A 83 19.20 17.72 -4.93
CA PHE A 83 20.37 18.47 -5.35
C PHE A 83 20.37 18.66 -6.87
N ARG A 84 19.92 17.66 -7.61
CA ARG A 84 19.90 17.81 -9.07
C ARG A 84 18.95 18.95 -9.45
N ARG A 85 17.81 19.07 -8.77
CA ARG A 85 16.90 20.14 -9.11
C ARG A 85 17.51 21.49 -8.73
N VAL A 86 18.31 21.51 -7.68
CA VAL A 86 18.96 22.75 -7.27
C VAL A 86 19.92 23.17 -8.38
N LEU A 87 20.69 22.20 -8.88
CA LEU A 87 21.64 22.46 -9.95
C LEU A 87 20.96 22.86 -11.25
N LEU A 88 19.79 22.29 -11.53
CA LEU A 88 19.07 22.63 -12.76
C LEU A 88 18.74 24.13 -12.82
N ARG A 89 18.41 24.72 -11.67
CA ARG A 89 18.07 26.13 -11.66
C ARG A 89 19.30 27.03 -11.56
N SER A 90 20.25 26.68 -10.68
CA SER A 90 21.47 27.47 -10.54
C SER A 90 22.24 27.56 -11.87
N LEU A 91 22.49 26.40 -12.47
CA LEU A 91 23.23 26.32 -13.72
C LEU A 91 22.38 26.73 -14.92
N GLN A 92 21.10 26.98 -14.70
CA GLN A 92 20.21 27.36 -15.79
C GLN A 92 20.29 26.33 -16.92
N LYS A 93 19.98 25.08 -16.58
CA LYS A 93 20.02 23.99 -17.55
C LYS A 93 18.80 24.00 -18.45
N ASP A 94 18.97 23.59 -19.71
CA ASP A 94 17.86 23.52 -20.65
C ASP A 94 16.90 22.47 -20.10
N LEU A 95 15.73 22.89 -19.65
CA LEU A 95 14.75 21.99 -19.07
C LEU A 95 14.14 20.99 -20.05
N GLN A 96 14.20 21.31 -21.34
CA GLN A 96 13.65 20.42 -22.34
C GLN A 96 14.60 19.23 -22.52
N GLU A 97 15.90 19.48 -22.36
CA GLU A 97 16.87 18.41 -22.47
C GLU A 97 16.69 17.52 -21.23
N GLU A 98 16.36 18.12 -20.09
CA GLU A 98 16.13 17.39 -18.85
C GLU A 98 14.86 16.53 -18.99
N MET A 99 13.92 17.02 -19.79
CA MET A 99 12.67 16.29 -20.04
C MET A 99 13.03 15.02 -20.82
N ASN A 100 13.96 15.15 -21.77
CA ASN A 100 14.36 14.00 -22.57
C ASN A 100 15.00 12.97 -21.64
N TYR A 101 15.79 13.46 -20.70
CA TYR A 101 16.45 12.59 -19.73
C TYR A 101 15.44 11.87 -18.83
N ILE A 102 14.48 12.60 -18.27
CA ILE A 102 13.51 11.98 -17.37
C ILE A 102 12.62 11.01 -18.14
N THR A 103 12.36 11.32 -19.40
CA THR A 103 11.56 10.43 -20.24
C THR A 103 12.27 9.08 -20.31
N ALA A 104 13.57 9.13 -20.57
CA ALA A 104 14.37 7.92 -20.68
C ALA A 104 14.48 7.14 -19.37
N ILE A 105 14.69 7.85 -18.26
CA ILE A 105 14.82 7.20 -16.96
C ILE A 105 13.50 6.55 -16.51
N ILE A 106 12.38 7.18 -16.85
CA ILE A 106 11.09 6.62 -16.46
C ILE A 106 10.81 5.35 -17.28
N GLU A 107 11.18 5.39 -18.56
CA GLU A 107 11.00 4.23 -19.43
C GLU A 107 11.70 3.04 -18.79
N GLU A 108 12.90 3.27 -18.23
CA GLU A 108 13.69 2.22 -17.60
C GLU A 108 13.19 1.80 -16.20
N GLN A 109 12.72 2.76 -15.42
CA GLN A 109 12.23 2.45 -14.07
C GLN A 109 10.88 3.11 -13.83
N PRO A 110 9.83 2.62 -14.49
CA PRO A 110 8.47 3.16 -14.39
C PRO A 110 7.82 3.06 -13.01
N LYS A 111 8.34 2.22 -12.13
CA LYS A 111 7.75 2.08 -10.79
C LYS A 111 8.58 2.71 -9.68
N ASN A 112 9.05 3.92 -9.94
CA ASN A 112 9.85 4.65 -8.99
C ASN A 112 9.13 5.99 -8.77
N TYR A 113 8.91 6.37 -7.51
CA TYR A 113 8.22 7.62 -7.19
C TYR A 113 8.98 8.86 -7.63
N GLN A 114 10.27 8.91 -7.30
CA GLN A 114 11.10 10.06 -7.63
C GLN A 114 11.09 10.51 -9.08
N VAL A 115 11.22 9.56 -10.01
CA VAL A 115 11.24 9.93 -11.42
C VAL A 115 9.95 10.61 -11.86
N TRP A 116 8.81 10.15 -11.36
CA TRP A 116 7.55 10.79 -11.75
C TRP A 116 7.39 12.17 -11.13
N HIS A 117 7.77 12.31 -9.87
CA HIS A 117 7.68 13.61 -9.22
C HIS A 117 8.58 14.61 -9.93
N HIS A 118 9.76 14.16 -10.33
CA HIS A 118 10.71 15.04 -11.04
C HIS A 118 10.06 15.53 -12.32
N ARG A 119 9.47 14.61 -13.08
CA ARG A 119 8.81 14.98 -14.33
C ARG A 119 7.75 16.05 -14.09
N ARG A 120 6.92 15.85 -13.07
CA ARG A 120 5.88 16.81 -12.74
C ARG A 120 6.47 18.20 -12.48
N VAL A 121 7.56 18.24 -11.71
CA VAL A 121 8.21 19.51 -11.42
C VAL A 121 8.70 20.18 -12.72
N LEU A 122 9.21 19.38 -13.65
CA LEU A 122 9.69 19.93 -14.92
C LEU A 122 8.50 20.47 -15.71
N VAL A 123 7.40 19.74 -15.71
CA VAL A 123 6.20 20.19 -16.43
C VAL A 123 5.65 21.47 -15.83
N GLU A 124 5.74 21.59 -14.51
CA GLU A 124 5.27 22.79 -13.83
C GLU A 124 6.15 23.97 -14.20
N TRP A 125 7.47 23.78 -14.11
CA TRP A 125 8.42 24.84 -14.44
C TRP A 125 8.25 25.36 -15.85
N LEU A 126 8.06 24.43 -16.78
CA LEU A 126 7.91 24.78 -18.19
C LEU A 126 6.48 25.16 -18.52
N LYS A 127 5.54 24.75 -17.67
CA LYS A 127 4.14 25.04 -17.90
C LYS A 127 3.77 24.52 -19.28
N ASP A 128 4.32 23.35 -19.61
CA ASP A 128 4.09 22.73 -20.91
C ASP A 128 3.71 21.26 -20.74
N PRO A 129 2.43 20.93 -20.92
CA PRO A 129 1.91 19.57 -20.80
C PRO A 129 1.68 18.92 -22.17
N SER A 130 2.16 19.56 -23.23
CA SER A 130 1.96 19.07 -24.60
C SER A 130 2.48 17.66 -24.88
N GLN A 131 3.47 17.23 -24.12
CA GLN A 131 4.03 15.89 -24.31
C GLN A 131 3.47 14.82 -23.39
N GLU A 132 2.80 15.23 -22.31
CA GLU A 132 2.33 14.27 -21.32
C GLU A 132 1.38 13.13 -21.64
N LEU A 133 0.22 13.41 -22.20
CA LEU A 133 -0.73 12.33 -22.51
C LEU A 133 -0.10 11.26 -23.37
N GLU A 134 0.69 11.67 -24.35
CA GLU A 134 1.33 10.71 -25.24
C GLU A 134 2.40 9.89 -24.51
N PHE A 135 3.24 10.57 -23.72
CA PHE A 135 4.28 9.88 -22.98
C PHE A 135 3.68 8.85 -22.02
N ILE A 136 2.69 9.28 -21.25
CA ILE A 136 2.03 8.39 -20.30
C ILE A 136 1.41 7.21 -21.05
N ALA A 137 0.79 7.49 -22.19
CA ALA A 137 0.17 6.45 -22.99
C ALA A 137 1.22 5.39 -23.35
N ASP A 138 2.45 5.81 -23.61
CA ASP A 138 3.49 4.85 -23.95
C ASP A 138 3.83 3.95 -22.75
N ILE A 139 3.86 4.54 -21.55
CA ILE A 139 4.16 3.75 -20.34
C ILE A 139 3.01 2.77 -20.08
N LEU A 140 1.78 3.22 -20.26
CA LEU A 140 0.62 2.38 -20.03
C LEU A 140 0.52 1.27 -21.08
N ASN A 141 1.17 1.47 -22.22
CA ASN A 141 1.13 0.44 -23.25
C ASN A 141 2.04 -0.72 -22.83
N GLN A 142 2.92 -0.46 -21.85
CA GLN A 142 3.84 -1.47 -21.34
C GLN A 142 3.33 -2.08 -20.03
N ASP A 143 2.61 -1.28 -19.26
CA ASP A 143 2.01 -1.71 -18.00
C ASP A 143 0.77 -0.84 -17.85
N ALA A 144 -0.36 -1.37 -18.30
CA ALA A 144 -1.62 -0.64 -18.28
C ALA A 144 -2.15 -0.32 -16.90
N LYS A 145 -1.45 -0.77 -15.85
CA LYS A 145 -1.93 -0.51 -14.51
C LYS A 145 -0.94 0.23 -13.62
N ASN A 146 0.13 0.76 -14.22
CA ASN A 146 1.13 1.50 -13.46
C ASN A 146 0.47 2.64 -12.69
N TYR A 147 0.42 2.49 -11.37
CA TYR A 147 -0.21 3.47 -10.48
C TYR A 147 0.33 4.91 -10.64
N HIS A 148 1.65 5.06 -10.64
CA HIS A 148 2.24 6.40 -10.79
C HIS A 148 1.88 7.01 -12.15
N ALA A 149 1.85 6.17 -13.18
CA ALA A 149 1.50 6.64 -14.52
C ALA A 149 0.08 7.20 -14.50
N TRP A 150 -0.86 6.45 -13.91
CA TRP A 150 -2.24 6.91 -13.83
C TRP A 150 -2.37 8.15 -12.96
N GLN A 151 -1.58 8.23 -11.89
CA GLN A 151 -1.66 9.38 -11.04
C GLN A 151 -1.13 10.61 -11.77
N HIS A 152 -0.04 10.44 -12.51
CA HIS A 152 0.52 11.57 -13.25
C HIS A 152 -0.50 12.01 -14.31
N ARG A 153 -1.14 11.04 -14.95
CA ARG A 153 -2.14 11.34 -15.97
C ARG A 153 -3.30 12.16 -15.40
N GLN A 154 -3.79 11.77 -14.23
CA GLN A 154 -4.88 12.52 -13.62
C GLN A 154 -4.42 13.92 -13.23
N TRP A 155 -3.17 14.03 -12.76
CA TRP A 155 -2.66 15.34 -12.39
C TRP A 155 -2.59 16.26 -13.60
N VAL A 156 -2.05 15.75 -14.71
CA VAL A 156 -1.94 16.53 -15.94
C VAL A 156 -3.30 16.96 -16.46
N ILE A 157 -4.22 16.01 -16.54
CA ILE A 157 -5.56 16.27 -17.04
C ILE A 157 -6.29 17.33 -16.19
N GLN A 158 -6.20 17.20 -14.88
CA GLN A 158 -6.88 18.16 -14.04
C GLN A 158 -6.18 19.51 -13.95
N GLU A 159 -4.86 19.52 -14.00
CA GLU A 159 -4.11 20.78 -13.92
C GLU A 159 -4.22 21.66 -15.16
N PHE A 160 -4.23 21.05 -16.34
CA PHE A 160 -4.30 21.77 -17.58
C PHE A 160 -5.62 21.61 -18.34
N ARG A 161 -6.65 21.14 -17.64
CA ARG A 161 -7.97 20.94 -18.25
C ARG A 161 -7.93 20.09 -19.53
N LEU A 162 -7.27 18.93 -19.54
CA LEU A 162 -7.21 18.15 -20.77
C LEU A 162 -8.19 16.98 -20.78
N TRP A 163 -9.47 17.30 -20.57
CA TRP A 163 -10.53 16.28 -20.50
C TRP A 163 -11.07 15.75 -21.82
N ASP A 164 -11.17 16.62 -22.81
CA ASP A 164 -11.75 16.29 -24.10
C ASP A 164 -11.57 14.91 -24.74
N ASN A 165 -10.39 14.32 -24.65
CA ASN A 165 -10.20 13.01 -25.28
C ASN A 165 -9.98 11.82 -24.34
N GLU A 166 -10.04 12.05 -23.02
CA GLU A 166 -9.79 10.97 -22.08
C GLU A 166 -10.82 9.86 -22.06
N LEU A 167 -12.09 10.19 -22.23
CA LEU A 167 -13.12 9.15 -22.22
C LEU A 167 -12.90 8.21 -23.41
N GLN A 168 -12.45 8.77 -24.52
CA GLN A 168 -12.18 7.98 -25.71
C GLN A 168 -10.99 7.06 -25.42
N TYR A 169 -9.99 7.59 -24.72
CA TYR A 169 -8.82 6.79 -24.37
C TYR A 169 -9.26 5.66 -23.44
N VAL A 170 -10.17 5.95 -22.52
CA VAL A 170 -10.69 4.94 -21.61
C VAL A 170 -11.35 3.80 -22.39
N ASP A 171 -12.25 4.14 -23.32
CA ASP A 171 -12.94 3.14 -24.14
C ASP A 171 -11.93 2.23 -24.84
N GLN A 172 -10.88 2.83 -25.36
CA GLN A 172 -9.82 2.10 -26.05
C GLN A 172 -9.24 1.03 -25.12
N LEU A 173 -8.78 1.45 -23.95
CA LEU A 173 -8.18 0.52 -23.00
C LEU A 173 -9.17 -0.51 -22.46
N LEU A 174 -10.44 -0.14 -22.37
CA LEU A 174 -11.42 -1.11 -21.88
C LEU A 174 -11.61 -2.22 -22.90
N LYS A 175 -11.50 -1.87 -24.19
CA LYS A 175 -11.63 -2.87 -25.24
C LYS A 175 -10.47 -3.84 -25.14
N GLU A 176 -9.28 -3.29 -24.90
CA GLU A 176 -8.08 -4.11 -24.77
C GLU A 176 -8.17 -5.05 -23.57
N ASP A 177 -8.60 -4.52 -22.42
CA ASP A 177 -8.73 -5.35 -21.21
C ASP A 177 -9.85 -4.77 -20.36
N VAL A 178 -11.03 -5.33 -20.54
CA VAL A 178 -12.21 -4.91 -19.81
C VAL A 178 -12.07 -5.17 -18.31
N ARG A 179 -11.03 -5.89 -17.91
CA ARG A 179 -10.80 -6.18 -16.51
C ARG A 179 -9.80 -5.22 -15.85
N ASN A 180 -9.34 -4.21 -16.60
CA ASN A 180 -8.38 -3.26 -16.04
C ASN A 180 -9.09 -2.30 -15.10
N ASN A 181 -8.99 -2.54 -13.79
CA ASN A 181 -9.64 -1.72 -12.80
C ASN A 181 -9.16 -0.26 -12.83
N SER A 182 -7.89 -0.06 -13.20
CA SER A 182 -7.36 1.31 -13.28
C SER A 182 -8.15 2.12 -14.31
N VAL A 183 -8.58 1.45 -15.37
CA VAL A 183 -9.33 2.12 -16.43
C VAL A 183 -10.77 2.41 -16.04
N TRP A 184 -11.39 1.50 -15.30
CA TRP A 184 -12.75 1.73 -14.84
C TRP A 184 -12.66 2.93 -13.89
N ASN A 185 -11.57 3.02 -13.13
CA ASN A 185 -11.40 4.15 -12.22
C ASN A 185 -11.27 5.42 -13.03
N GLN A 186 -10.45 5.37 -14.08
CA GLN A 186 -10.25 6.55 -14.93
C GLN A 186 -11.59 6.98 -15.53
N ARG A 187 -12.43 6.01 -15.86
CA ARG A 187 -13.73 6.30 -16.45
C ARG A 187 -14.54 7.17 -15.49
N HIS A 188 -14.62 6.74 -14.23
CA HIS A 188 -15.36 7.47 -13.21
C HIS A 188 -14.72 8.82 -12.94
N PHE A 189 -13.39 8.88 -13.06
CA PHE A 189 -12.66 10.12 -12.84
C PHE A 189 -13.04 11.16 -13.91
N VAL A 190 -13.08 10.73 -15.16
CA VAL A 190 -13.44 11.63 -16.25
C VAL A 190 -14.89 12.10 -16.19
N ILE A 191 -15.80 11.14 -16.06
CA ILE A 191 -17.22 11.48 -16.01
C ILE A 191 -17.62 12.36 -14.83
N SER A 192 -17.24 11.97 -13.62
CA SER A 192 -17.60 12.75 -12.46
C SER A 192 -17.01 14.17 -12.49
N ASN A 193 -15.96 14.38 -13.28
CA ASN A 193 -15.36 15.70 -13.36
C ASN A 193 -15.80 16.53 -14.56
N THR A 194 -16.56 15.91 -15.46
CA THR A 194 -17.05 16.62 -16.63
C THR A 194 -18.58 16.78 -16.53
N THR A 195 -19.31 15.80 -17.06
CA THR A 195 -20.77 15.85 -17.02
C THR A 195 -21.35 15.55 -15.65
N GLY A 196 -20.73 14.59 -14.95
CA GLY A 196 -21.23 14.20 -13.65
C GLY A 196 -22.14 13.02 -13.91
N TYR A 197 -22.67 12.39 -12.86
CA TYR A 197 -23.57 11.27 -13.03
C TYR A 197 -25.03 11.62 -12.74
N SER A 198 -25.30 12.91 -12.49
CA SER A 198 -26.67 13.34 -12.21
C SER A 198 -27.48 13.42 -13.49
N ASP A 199 -26.77 13.59 -14.62
CA ASP A 199 -27.42 13.66 -15.91
C ASP A 199 -28.02 12.27 -16.18
N ARG A 200 -29.35 12.20 -16.21
CA ARG A 200 -30.06 10.94 -16.44
C ARG A 200 -29.64 10.22 -17.71
N ALA A 201 -29.40 10.98 -18.78
CA ALA A 201 -28.97 10.36 -20.03
C ALA A 201 -27.60 9.73 -19.81
N VAL A 202 -26.70 10.47 -19.16
CA VAL A 202 -25.35 9.96 -18.89
C VAL A 202 -25.41 8.70 -18.03
N LEU A 203 -26.17 8.76 -16.94
CA LEU A 203 -26.29 7.61 -16.05
C LEU A 203 -26.84 6.40 -16.80
N GLU A 204 -27.87 6.65 -17.62
CA GLU A 204 -28.50 5.62 -18.44
C GLU A 204 -27.43 4.97 -19.32
N ARG A 205 -26.67 5.81 -20.01
CA ARG A 205 -25.60 5.35 -20.89
C ARG A 205 -24.66 4.43 -20.13
N GLU A 206 -24.17 4.93 -18.99
CA GLU A 206 -23.22 4.19 -18.16
C GLU A 206 -23.72 2.88 -17.61
N VAL A 207 -24.96 2.85 -17.15
CA VAL A 207 -25.51 1.62 -16.61
C VAL A 207 -25.69 0.59 -17.73
N GLN A 208 -26.19 1.04 -18.87
CA GLN A 208 -26.41 0.16 -20.02
C GLN A 208 -25.08 -0.42 -20.50
N TYR A 209 -24.07 0.43 -20.66
CA TYR A 209 -22.75 0.00 -21.09
C TYR A 209 -22.17 -1.04 -20.14
N THR A 210 -22.24 -0.76 -18.85
CA THR A 210 -21.71 -1.67 -17.85
C THR A 210 -22.44 -3.01 -17.86
N LEU A 211 -23.76 -2.97 -17.97
CA LEU A 211 -24.55 -4.21 -18.01
C LEU A 211 -24.14 -5.05 -19.20
N GLU A 212 -23.81 -4.40 -20.31
CA GLU A 212 -23.39 -5.11 -21.51
C GLU A 212 -22.04 -5.79 -21.27
N MET A 213 -21.14 -5.09 -20.59
CA MET A 213 -19.82 -5.66 -20.30
C MET A 213 -19.95 -6.82 -19.35
N ILE A 214 -20.89 -6.71 -18.41
CA ILE A 214 -21.12 -7.77 -17.45
C ILE A 214 -21.61 -9.03 -18.20
N LYS A 215 -22.50 -8.82 -19.17
CA LYS A 215 -23.03 -9.93 -19.95
C LYS A 215 -21.91 -10.63 -20.69
N LEU A 216 -20.99 -9.84 -21.25
CA LEU A 216 -19.86 -10.39 -21.98
C LEU A 216 -18.89 -11.14 -21.07
N VAL A 217 -18.59 -10.56 -19.90
CA VAL A 217 -17.67 -11.18 -18.95
C VAL A 217 -18.27 -11.13 -17.55
N PRO A 218 -19.28 -11.98 -17.31
CA PRO A 218 -20.03 -12.12 -16.05
C PRO A 218 -19.21 -12.18 -14.76
N HIS A 219 -18.00 -12.73 -14.85
CA HIS A 219 -17.17 -12.83 -13.66
C HIS A 219 -16.10 -11.74 -13.50
N ASN A 220 -16.24 -10.66 -14.26
CA ASN A 220 -15.31 -9.54 -14.18
C ASN A 220 -15.79 -8.62 -13.06
N GLU A 221 -15.13 -8.69 -11.91
CA GLU A 221 -15.54 -7.88 -10.78
C GLU A 221 -15.49 -6.36 -10.97
N SER A 222 -14.57 -5.87 -11.79
CA SER A 222 -14.49 -4.42 -12.01
C SER A 222 -15.79 -3.84 -12.51
N ALA A 223 -16.39 -4.47 -13.52
CA ALA A 223 -17.64 -3.99 -14.08
C ALA A 223 -18.73 -3.95 -13.03
N TRP A 224 -18.78 -4.99 -12.20
CA TRP A 224 -19.78 -5.05 -11.15
C TRP A 224 -19.59 -3.94 -10.12
N ASN A 225 -18.34 -3.71 -9.73
CA ASN A 225 -18.04 -2.66 -8.75
C ASN A 225 -18.35 -1.27 -9.27
N TYR A 226 -18.19 -1.08 -10.58
CA TYR A 226 -18.48 0.22 -11.18
C TYR A 226 -19.99 0.42 -11.20
N LEU A 227 -20.74 -0.64 -11.52
CA LEU A 227 -22.20 -0.55 -11.56
C LEU A 227 -22.72 -0.19 -10.17
N LYS A 228 -22.18 -0.85 -9.16
CA LYS A 228 -22.59 -0.60 -7.79
C LYS A 228 -22.11 0.79 -7.36
N GLY A 229 -20.88 1.12 -7.71
CA GLY A 229 -20.34 2.41 -7.35
C GLY A 229 -21.10 3.63 -7.85
N ILE A 230 -21.62 3.58 -9.08
CA ILE A 230 -22.34 4.75 -9.61
C ILE A 230 -23.82 4.83 -9.21
N LEU A 231 -24.35 3.77 -8.60
CA LEU A 231 -25.76 3.72 -8.23
C LEU A 231 -25.93 3.84 -6.73
N GLN A 232 -24.91 3.43 -5.98
CA GLN A 232 -24.91 3.49 -4.53
C GLN A 232 -25.16 4.89 -3.97
N ASP A 233 -24.73 5.91 -4.70
CA ASP A 233 -24.92 7.28 -4.25
C ASP A 233 -26.39 7.54 -3.89
N ARG A 234 -27.24 7.60 -4.91
CA ARG A 234 -28.66 7.83 -4.70
C ARG A 234 -29.33 6.69 -3.93
N GLY A 235 -28.78 5.49 -4.05
CA GLY A 235 -29.35 4.34 -3.35
C GLY A 235 -29.91 3.32 -4.33
N LEU A 236 -29.43 2.08 -4.25
CA LEU A 236 -29.87 1.03 -5.16
C LEU A 236 -31.40 0.86 -5.22
N SER A 237 -32.09 0.98 -4.08
CA SER A 237 -33.53 0.83 -4.05
C SER A 237 -34.26 1.91 -4.84
N ARG A 238 -33.51 2.91 -5.31
CA ARG A 238 -34.08 4.01 -6.09
C ARG A 238 -34.36 3.57 -7.53
N TYR A 239 -33.80 2.43 -7.92
CA TYR A 239 -33.98 1.93 -9.27
C TYR A 239 -34.68 0.57 -9.23
N PRO A 240 -36.02 0.60 -9.22
CA PRO A 240 -36.89 -0.58 -9.18
C PRO A 240 -36.62 -1.64 -10.25
N ASN A 241 -36.42 -1.23 -11.50
CA ASN A 241 -36.18 -2.17 -12.59
C ASN A 241 -34.89 -2.98 -12.48
N LEU A 242 -33.86 -2.36 -11.93
CA LEU A 242 -32.56 -3.01 -11.81
C LEU A 242 -32.62 -4.40 -11.19
N LEU A 243 -33.35 -4.53 -10.10
CA LEU A 243 -33.49 -5.82 -9.42
C LEU A 243 -33.99 -6.90 -10.37
N ASN A 244 -35.08 -6.60 -11.06
CA ASN A 244 -35.66 -7.54 -12.00
C ASN A 244 -34.71 -7.93 -13.13
N GLN A 245 -34.06 -6.93 -13.71
CA GLN A 245 -33.14 -7.18 -14.80
C GLN A 245 -31.94 -8.02 -14.39
N LEU A 246 -31.54 -7.93 -13.13
CA LEU A 246 -30.42 -8.72 -12.64
C LEU A 246 -30.95 -10.10 -12.28
N LEU A 247 -32.20 -10.13 -11.84
CA LEU A 247 -32.84 -11.37 -11.44
C LEU A 247 -33.05 -12.28 -12.65
N ASP A 248 -32.92 -11.73 -13.84
CA ASP A 248 -33.07 -12.52 -15.05
C ASP A 248 -31.79 -13.25 -15.43
N LEU A 249 -30.65 -12.64 -15.12
CA LEU A 249 -29.37 -13.27 -15.41
C LEU A 249 -29.11 -14.40 -14.42
N GLN A 250 -30.07 -14.62 -13.51
CA GLN A 250 -29.98 -15.66 -12.49
C GLN A 250 -29.49 -17.00 -13.03
N PRO A 251 -29.93 -17.39 -14.24
CA PRO A 251 -29.47 -18.67 -14.79
C PRO A 251 -28.28 -18.47 -15.74
N SER A 252 -28.43 -17.53 -16.66
CA SER A 252 -27.40 -17.24 -17.65
C SER A 252 -26.08 -16.78 -17.02
N HIS A 253 -26.05 -15.52 -16.57
CA HIS A 253 -24.84 -14.98 -15.95
C HIS A 253 -25.02 -14.90 -14.44
N SER A 254 -25.01 -16.06 -13.78
CA SER A 254 -25.20 -16.12 -12.34
C SER A 254 -23.94 -16.34 -11.51
N SER A 255 -23.12 -15.30 -11.38
CA SER A 255 -21.88 -15.41 -10.60
C SER A 255 -22.13 -14.92 -9.17
N PRO A 256 -21.17 -15.15 -8.28
CA PRO A 256 -21.34 -14.72 -6.89
C PRO A 256 -21.38 -13.18 -6.78
N TYR A 257 -21.03 -12.51 -7.87
CA TYR A 257 -21.07 -11.04 -7.88
C TYR A 257 -22.50 -10.60 -8.05
N LEU A 258 -23.28 -11.35 -8.81
CA LEU A 258 -24.68 -11.01 -9.03
C LEU A 258 -25.45 -11.26 -7.73
N ILE A 259 -25.14 -12.38 -7.07
CA ILE A 259 -25.78 -12.73 -5.82
C ILE A 259 -25.54 -11.60 -4.83
N ALA A 260 -24.27 -11.25 -4.64
CA ALA A 260 -23.89 -10.18 -3.73
C ALA A 260 -24.59 -8.87 -4.08
N PHE A 261 -24.70 -8.57 -5.37
CA PHE A 261 -25.35 -7.32 -5.77
C PHE A 261 -26.83 -7.36 -5.38
N LEU A 262 -27.44 -8.54 -5.47
CA LEU A 262 -28.86 -8.71 -5.10
C LEU A 262 -29.04 -8.40 -3.62
N VAL A 263 -28.15 -8.92 -2.79
CA VAL A 263 -28.20 -8.68 -1.36
C VAL A 263 -28.02 -7.17 -1.12
N ASP A 264 -27.17 -6.53 -1.91
CA ASP A 264 -26.95 -5.09 -1.76
C ASP A 264 -28.23 -4.33 -2.06
N ILE A 265 -28.96 -4.76 -3.08
CA ILE A 265 -30.22 -4.11 -3.44
C ILE A 265 -31.24 -4.29 -2.31
N TYR A 266 -31.29 -5.49 -1.74
CA TYR A 266 -32.20 -5.79 -0.64
C TYR A 266 -31.87 -4.92 0.56
N GLU A 267 -30.59 -4.88 0.92
CA GLU A 267 -30.13 -4.07 2.05
C GLU A 267 -30.71 -2.66 1.98
N ASP A 268 -30.63 -2.04 0.80
CA ASP A 268 -31.14 -0.68 0.63
C ASP A 268 -32.65 -0.60 0.60
N MET A 269 -33.31 -1.66 0.14
CA MET A 269 -34.77 -1.66 0.08
C MET A 269 -35.30 -1.61 1.51
N LEU A 270 -34.72 -2.42 2.39
CA LEU A 270 -35.13 -2.46 3.79
C LEU A 270 -34.88 -1.13 4.48
N GLU A 271 -33.76 -0.48 4.16
CA GLU A 271 -33.43 0.81 4.76
C GLU A 271 -34.35 1.94 4.32
N ASN A 272 -35.05 1.74 3.21
CA ASN A 272 -35.94 2.77 2.70
C ASN A 272 -37.40 2.32 2.65
N GLN A 273 -37.91 1.88 3.79
CA GLN A 273 -39.28 1.42 3.94
C GLN A 273 -39.84 0.81 2.65
N CYS A 274 -39.36 -0.38 2.29
CA CYS A 274 -39.82 -1.04 1.07
C CYS A 274 -41.05 -1.90 1.34
N ASP A 275 -41.70 -2.32 0.28
CA ASP A 275 -42.89 -3.18 0.39
C ASP A 275 -42.43 -4.62 0.63
N ASN A 276 -43.19 -5.36 1.42
CA ASN A 276 -42.87 -6.76 1.70
C ASN A 276 -41.60 -6.91 2.54
N LYS A 277 -41.39 -6.02 3.50
CA LYS A 277 -40.19 -6.11 4.34
C LYS A 277 -39.94 -7.51 4.86
N GLU A 278 -41.00 -8.20 5.26
CA GLU A 278 -40.87 -9.57 5.79
C GLU A 278 -40.30 -10.50 4.71
N ASP A 279 -40.75 -10.31 3.48
CA ASP A 279 -40.31 -11.14 2.36
C ASP A 279 -38.90 -10.81 1.87
N ILE A 280 -38.64 -9.53 1.59
CA ILE A 280 -37.33 -9.10 1.13
C ILE A 280 -36.24 -9.56 2.09
N LEU A 281 -36.49 -9.42 3.39
CA LEU A 281 -35.51 -9.82 4.39
C LEU A 281 -35.14 -11.29 4.26
N ASN A 282 -36.13 -12.16 4.14
CA ASN A 282 -35.86 -13.59 4.04
C ASN A 282 -35.03 -13.94 2.82
N LYS A 283 -35.31 -13.27 1.71
CA LYS A 283 -34.54 -13.53 0.49
C LYS A 283 -33.09 -13.14 0.76
N ALA A 284 -32.90 -11.91 1.21
CA ALA A 284 -31.57 -11.40 1.54
C ALA A 284 -30.84 -12.39 2.45
N LEU A 285 -31.46 -12.76 3.55
CA LEU A 285 -30.85 -13.68 4.50
C LEU A 285 -30.53 -15.02 3.85
N GLU A 286 -31.36 -15.40 2.89
CA GLU A 286 -31.19 -16.66 2.15
C GLU A 286 -29.89 -16.61 1.37
N LEU A 287 -29.70 -15.52 0.63
CA LEU A 287 -28.50 -15.33 -0.18
C LEU A 287 -27.26 -15.23 0.69
N CYS A 288 -27.37 -14.56 1.82
CA CYS A 288 -26.24 -14.42 2.72
C CYS A 288 -25.70 -15.77 3.18
N GLU A 289 -26.58 -16.73 3.39
CA GLU A 289 -26.11 -18.03 3.84
C GLU A 289 -25.60 -18.84 2.65
N ILE A 290 -26.25 -18.69 1.50
CA ILE A 290 -25.81 -19.38 0.30
C ILE A 290 -24.39 -18.92 0.01
N LEU A 291 -24.15 -17.62 0.14
CA LEU A 291 -22.84 -17.04 -0.10
C LEU A 291 -21.83 -17.50 0.95
N ALA A 292 -22.24 -17.44 2.22
CA ALA A 292 -21.38 -17.85 3.31
C ALA A 292 -21.02 -19.33 3.31
N LYS A 293 -21.99 -20.18 2.97
CA LYS A 293 -21.76 -21.62 2.97
C LYS A 293 -21.34 -22.23 1.63
N GLU A 294 -21.76 -21.62 0.53
CA GLU A 294 -21.44 -22.19 -0.78
C GLU A 294 -20.70 -21.36 -1.82
N LYS A 295 -21.32 -20.28 -2.28
CA LYS A 295 -20.78 -19.42 -3.33
C LYS A 295 -19.60 -18.49 -3.07
N ASP A 296 -19.40 -18.07 -1.82
CA ASP A 296 -18.33 -17.13 -1.54
C ASP A 296 -17.82 -17.31 -0.12
N THR A 297 -17.44 -18.55 0.21
CA THR A 297 -16.96 -18.90 1.55
C THR A 297 -15.72 -18.19 2.06
N ILE A 298 -14.85 -17.74 1.16
CA ILE A 298 -13.64 -17.02 1.59
C ILE A 298 -14.08 -15.81 2.41
N ARG A 299 -15.29 -15.35 2.12
CA ARG A 299 -15.92 -14.20 2.75
C ARG A 299 -17.09 -14.54 3.69
N LYS A 300 -17.09 -15.77 4.21
CA LYS A 300 -18.16 -16.22 5.12
C LYS A 300 -18.39 -15.27 6.30
N GLU A 301 -17.32 -14.87 6.99
CA GLU A 301 -17.43 -13.96 8.12
C GLU A 301 -18.11 -12.65 7.75
N TYR A 302 -17.89 -12.20 6.51
CA TYR A 302 -18.52 -10.96 6.07
C TYR A 302 -20.01 -11.17 5.87
N TRP A 303 -20.37 -12.22 5.13
CA TRP A 303 -21.77 -12.50 4.85
C TRP A 303 -22.56 -12.87 6.10
N ARG A 304 -21.89 -13.47 7.08
CA ARG A 304 -22.60 -13.82 8.31
C ARG A 304 -22.87 -12.51 9.03
N TYR A 305 -21.89 -11.61 8.98
CA TYR A 305 -22.03 -10.29 9.60
C TYR A 305 -23.22 -9.58 8.98
N ILE A 306 -23.31 -9.64 7.65
CA ILE A 306 -24.41 -8.98 6.95
C ILE A 306 -25.78 -9.53 7.29
N GLY A 307 -25.91 -10.86 7.26
CA GLY A 307 -27.20 -11.45 7.57
C GLY A 307 -27.59 -11.13 9.00
N ARG A 308 -26.64 -11.36 9.89
CA ARG A 308 -26.83 -11.12 11.31
C ARG A 308 -27.07 -9.63 11.56
N SER A 309 -26.54 -8.79 10.69
CA SER A 309 -26.70 -7.34 10.81
C SER A 309 -28.07 -6.94 10.24
N LEU A 310 -28.50 -7.66 9.21
CA LEU A 310 -29.78 -7.40 8.56
C LEU A 310 -30.94 -7.78 9.50
N GLN A 311 -30.70 -8.79 10.33
CA GLN A 311 -31.71 -9.23 11.28
C GLN A 311 -31.94 -8.23 12.39
N SER A 312 -30.87 -7.87 13.10
CA SER A 312 -30.99 -6.92 14.20
C SER A 312 -31.64 -5.62 13.75
N LYS A 313 -31.47 -5.28 12.48
CA LYS A 313 -32.03 -4.04 11.96
C LYS A 313 -33.47 -4.11 11.47
N HIS A 314 -33.81 -5.20 10.77
CA HIS A 314 -35.15 -5.32 10.21
C HIS A 314 -35.96 -6.54 10.63
N SER A 315 -35.69 -7.09 11.81
CA SER A 315 -36.43 -8.26 12.29
C SER A 315 -37.93 -8.07 12.16
N LEU B 1 -7.02 -28.69 6.18
CA LEU B 1 -6.60 -27.46 5.49
C LEU B 1 -7.61 -27.05 4.43
N TYR B 2 -8.14 -25.85 4.59
CA TYR B 2 -9.12 -25.26 3.69
C TYR B 2 -8.67 -25.23 2.23
N SER B 3 -7.42 -24.88 2.00
CA SER B 3 -6.87 -24.78 0.65
C SER B 3 -6.67 -26.12 -0.07
N LEU B 4 -6.66 -27.21 0.70
CA LEU B 4 -6.47 -28.52 0.11
C LEU B 4 -7.74 -29.34 -0.05
N ARG B 5 -8.87 -28.80 0.40
CA ARG B 5 -10.15 -29.51 0.28
C ARG B 5 -10.57 -29.62 -1.18
N PRO B 6 -11.20 -30.75 -1.53
CA PRO B 6 -11.67 -31.02 -2.89
C PRO B 6 -12.50 -29.90 -3.51
N GLU B 7 -13.46 -29.39 -2.76
CA GLU B 7 -14.30 -28.32 -3.30
C GLU B 7 -13.55 -27.01 -3.53
N HIS B 8 -12.29 -26.95 -3.14
CA HIS B 8 -11.52 -25.73 -3.33
C HIS B 8 -11.07 -25.49 -4.77
N ALA B 9 -10.93 -26.56 -5.55
CA ALA B 9 -10.53 -26.44 -6.97
C ALA B 9 -11.59 -25.65 -7.71
N ARG B 10 -12.77 -25.63 -7.09
CA ARG B 10 -13.96 -24.95 -7.56
C ARG B 10 -13.83 -23.42 -7.51
N GLU B 11 -12.76 -22.94 -6.87
CA GLU B 11 -12.52 -21.50 -6.75
C GLU B 11 -11.59 -20.95 -7.83
N ARG B 12 -11.08 -21.83 -8.67
CA ARG B 12 -10.19 -21.43 -9.76
C ARG B 12 -10.90 -20.39 -10.60
N LEU B 13 -10.12 -19.49 -11.20
CA LEU B 13 -10.68 -18.43 -12.04
C LEU B 13 -11.58 -18.92 -13.19
N GLN B 14 -12.66 -18.19 -13.45
CA GLN B 14 -13.57 -18.49 -14.55
C GLN B 14 -13.49 -17.26 -15.45
N ASP B 15 -12.81 -17.41 -16.60
CA ASP B 15 -12.64 -16.28 -17.51
C ASP B 15 -13.74 -16.07 -18.53
N ASP B 16 -14.80 -16.88 -18.47
CA ASP B 16 -15.93 -16.75 -19.39
C ASP B 16 -15.49 -16.87 -20.84
N SER B 17 -14.33 -17.49 -21.06
CA SER B 17 -13.79 -17.67 -22.41
C SER B 17 -13.40 -16.36 -23.08
N VAL B 18 -13.13 -15.33 -22.29
CA VAL B 18 -12.70 -14.05 -22.82
C VAL B 18 -11.37 -13.75 -22.12
N GLU B 19 -10.26 -14.05 -22.78
CA GLU B 19 -8.95 -13.82 -22.21
C GLU B 19 -8.42 -12.41 -22.42
N THR B 20 -7.82 -11.87 -21.35
CA THR B 20 -7.20 -10.54 -21.39
C THR B 20 -5.94 -10.66 -20.55
N VAL B 21 -5.07 -9.67 -20.64
CA VAL B 21 -3.84 -9.72 -19.86
C VAL B 21 -4.14 -10.05 -18.41
N THR B 22 -5.20 -9.44 -17.88
CA THR B 22 -5.59 -9.68 -16.49
C THR B 22 -5.91 -11.13 -16.14
N SER B 23 -6.74 -11.79 -16.93
CA SER B 23 -7.10 -13.18 -16.64
C SER B 23 -5.90 -14.09 -16.86
N ILE B 24 -5.12 -13.79 -17.90
CA ILE B 24 -3.95 -14.59 -18.21
C ILE B 24 -2.96 -14.59 -17.05
N GLU B 25 -2.68 -13.42 -16.49
CA GLU B 25 -1.73 -13.35 -15.39
C GLU B 25 -2.26 -13.93 -14.09
N GLN B 26 -3.57 -13.83 -13.88
CA GLN B 26 -4.16 -14.39 -12.68
C GLN B 26 -4.06 -15.92 -12.76
N ALA B 27 -4.39 -16.46 -13.94
CA ALA B 27 -4.34 -17.90 -14.18
C ALA B 27 -2.95 -18.45 -13.96
N LYS B 28 -1.93 -17.71 -14.40
CA LYS B 28 -0.55 -18.16 -14.21
C LYS B 28 -0.27 -18.32 -12.71
N VAL B 29 -0.70 -17.33 -11.93
CA VAL B 29 -0.45 -17.37 -10.48
C VAL B 29 -1.21 -18.53 -9.83
N GLU B 30 -2.46 -18.73 -10.21
CA GLU B 30 -3.25 -19.79 -9.63
C GLU B 30 -2.62 -21.14 -9.94
N GLU B 31 -2.18 -21.30 -11.19
CA GLU B 31 -1.55 -22.54 -11.62
C GLU B 31 -0.38 -22.84 -10.70
N LYS B 32 0.43 -21.82 -10.42
CA LYS B 32 1.59 -22.01 -9.57
C LYS B 32 1.25 -22.25 -8.09
N ILE B 33 0.18 -21.62 -7.61
CA ILE B 33 -0.24 -21.80 -6.23
C ILE B 33 -0.81 -23.21 -6.07
N GLN B 34 -1.56 -23.66 -7.06
CA GLN B 34 -2.14 -25.00 -7.03
C GLN B 34 -1.03 -26.03 -6.93
N GLU B 35 0.07 -25.81 -7.67
CA GLU B 35 1.19 -26.73 -7.63
C GLU B 35 1.73 -26.83 -6.22
N VAL B 36 1.81 -25.69 -5.53
CA VAL B 36 2.28 -25.65 -4.16
C VAL B 36 1.33 -26.42 -3.24
N PHE B 37 0.04 -26.15 -3.37
CA PHE B 37 -0.98 -26.81 -2.55
C PHE B 37 -0.93 -28.33 -2.70
N SER B 38 -0.83 -28.78 -3.95
CA SER B 38 -0.79 -30.20 -4.27
C SER B 38 0.54 -30.91 -3.99
N SER B 39 1.60 -30.14 -3.77
CA SER B 39 2.91 -30.72 -3.51
C SER B 39 2.87 -31.87 -2.51
N TYR B 40 2.05 -31.75 -1.46
CA TYR B 40 1.96 -32.81 -0.46
C TYR B 40 1.40 -34.11 -1.04
N LYS B 41 0.25 -33.98 -1.70
CA LYS B 41 -0.41 -35.11 -2.33
C LYS B 41 0.52 -35.86 -3.27
N PHE B 42 1.14 -35.14 -4.22
CA PHE B 42 2.04 -35.77 -5.18
C PHE B 42 3.33 -36.38 -4.58
N ASN B 43 3.69 -35.95 -3.37
CA ASN B 43 4.90 -36.48 -2.71
C ASN B 43 4.54 -37.49 -1.64
N HIS B 44 3.25 -37.59 -1.34
CA HIS B 44 2.75 -38.53 -0.36
C HIS B 44 3.29 -38.31 1.06
N LEU B 45 3.03 -37.11 1.57
CA LEU B 45 3.44 -36.75 2.92
C LEU B 45 2.25 -36.05 3.56
N VAL B 46 2.20 -36.06 4.88
CA VAL B 46 1.12 -35.38 5.59
C VAL B 46 1.47 -33.89 5.61
N PRO B 47 0.53 -33.03 5.22
CA PRO B 47 0.80 -31.59 5.23
C PRO B 47 1.30 -31.16 6.61
N ARG B 48 2.39 -30.39 6.61
CA ARG B 48 2.99 -29.92 7.86
C ARG B 48 3.23 -28.42 7.77
N LEU B 49 2.30 -27.64 8.31
CA LEU B 49 2.45 -26.19 8.28
C LEU B 49 3.34 -25.76 9.42
N VAL B 50 4.59 -25.47 9.10
CA VAL B 50 5.56 -25.05 10.09
C VAL B 50 6.25 -23.73 9.73
N LEU B 51 6.26 -22.81 10.69
CA LEU B 51 6.90 -21.53 10.46
C LEU B 51 8.39 -21.75 10.74
N GLN B 52 9.21 -21.62 9.71
CA GLN B 52 10.64 -21.83 9.84
C GLN B 52 11.36 -20.75 10.65
N ARG B 53 10.95 -20.64 11.91
CA ARG B 53 11.48 -19.69 12.88
C ARG B 53 13.00 -19.52 12.86
N GLU B 54 13.71 -20.62 13.08
CA GLU B 54 15.16 -20.58 13.12
C GLU B 54 15.74 -20.03 11.82
N LYS B 55 15.21 -20.47 10.69
CA LYS B 55 15.67 -20.01 9.40
C LYS B 55 15.47 -18.50 9.29
N HIS B 56 14.26 -18.05 9.59
CA HIS B 56 13.94 -16.62 9.52
C HIS B 56 14.85 -15.83 10.46
N PHE B 57 15.11 -16.39 11.63
CA PHE B 57 15.96 -15.75 12.61
C PHE B 57 17.38 -15.49 12.10
N HIS B 58 18.06 -16.52 11.60
CA HIS B 58 19.43 -16.36 11.11
C HIS B 58 19.46 -15.31 10.00
N TYR B 59 18.44 -15.32 9.18
CA TYR B 59 18.31 -14.38 8.06
C TYR B 59 18.22 -12.95 8.63
N LEU B 60 17.32 -12.77 9.57
CA LEU B 60 17.10 -11.48 10.19
C LEU B 60 18.30 -10.97 10.98
N LYS B 61 18.76 -11.75 11.95
CA LYS B 61 19.87 -11.33 12.79
C LYS B 61 21.12 -10.99 12.00
N ARG B 62 21.27 -11.58 10.82
CA ARG B 62 22.44 -11.27 10.00
C ARG B 62 22.19 -9.97 9.22
N GLY B 63 20.98 -9.83 8.69
CA GLY B 63 20.64 -8.63 7.95
C GLY B 63 20.69 -7.39 8.82
N LEU B 64 20.45 -7.55 10.11
CA LEU B 64 20.47 -6.41 11.02
C LEU B 64 21.87 -5.80 11.08
N ARG B 65 22.88 -6.61 10.77
CA ARG B 65 24.26 -6.13 10.80
C ARG B 65 24.76 -5.68 9.45
N GLN B 66 24.64 -6.53 8.43
CA GLN B 66 25.09 -6.14 7.09
C GLN B 66 24.24 -6.76 5.99
N LEU B 67 24.28 -6.13 4.83
CA LEU B 67 23.50 -6.58 3.68
C LEU B 67 24.37 -6.55 2.42
N THR B 68 23.99 -7.37 1.44
CA THR B 68 24.73 -7.42 0.18
C THR B 68 24.37 -6.20 -0.66
N ASP B 69 25.12 -5.97 -1.76
CA ASP B 69 24.86 -4.83 -2.61
C ASP B 69 23.49 -4.92 -3.31
N ALA B 70 22.81 -6.03 -3.10
CA ALA B 70 21.50 -6.21 -3.69
C ALA B 70 20.58 -5.18 -3.03
N TYR B 71 21.01 -4.65 -1.89
CA TYR B 71 20.21 -3.67 -1.17
C TYR B 71 20.61 -2.23 -1.44
N GLU B 72 21.46 -2.03 -2.44
CA GLU B 72 21.88 -0.69 -2.81
C GLU B 72 20.63 0.14 -3.17
N CYS B 73 19.57 -0.55 -3.60
CA CYS B 73 18.33 0.12 -3.99
C CYS B 73 17.55 0.64 -2.78
N LEU B 74 18.00 0.25 -1.58
CA LEU B 74 17.36 0.68 -0.35
C LEU B 74 18.31 1.48 0.52
N ASP B 75 19.34 2.03 -0.10
CA ASP B 75 20.34 2.83 0.60
C ASP B 75 19.73 4.14 1.13
N ALA B 76 18.53 4.47 0.65
CA ALA B 76 17.86 5.67 1.09
C ALA B 76 16.68 5.31 1.97
N SER B 77 16.68 4.08 2.48
CA SER B 77 15.62 3.59 3.35
C SER B 77 16.17 2.73 4.47
N ARG B 78 17.35 3.05 4.99
CA ARG B 78 17.92 2.21 6.02
C ARG B 78 17.11 2.18 7.32
N PRO B 79 16.48 3.30 7.69
CA PRO B 79 15.70 3.21 8.94
C PRO B 79 14.58 2.18 8.74
N TRP B 80 14.15 2.00 7.48
CA TRP B 80 13.10 1.03 7.18
C TRP B 80 13.64 -0.38 7.39
N LEU B 81 14.88 -0.59 6.95
CA LEU B 81 15.48 -1.90 7.12
C LEU B 81 15.53 -2.21 8.62
N CYS B 82 15.87 -1.21 9.43
CA CYS B 82 15.92 -1.39 10.88
C CYS B 82 14.55 -1.83 11.39
N TYR B 83 13.52 -1.06 11.04
CA TYR B 83 12.18 -1.36 11.47
C TYR B 83 11.67 -2.71 11.02
N TRP B 84 11.81 -3.01 9.74
CA TRP B 84 11.33 -4.29 9.22
C TRP B 84 12.00 -5.46 9.96
N ILE B 85 13.32 -5.37 10.14
CA ILE B 85 14.05 -6.42 10.81
C ILE B 85 13.71 -6.52 12.29
N LEU B 86 13.83 -5.41 13.02
CA LEU B 86 13.52 -5.42 14.44
C LEU B 86 12.08 -5.87 14.70
N HIS B 87 11.15 -5.45 13.85
CA HIS B 87 9.76 -5.85 14.04
C HIS B 87 9.54 -7.34 13.76
N SER B 88 10.24 -7.87 12.75
CA SER B 88 10.11 -9.30 12.44
C SER B 88 10.65 -10.10 13.63
N LEU B 89 11.77 -9.66 14.20
CA LEU B 89 12.36 -10.34 15.35
C LEU B 89 11.40 -10.25 16.53
N GLU B 90 10.80 -9.08 16.71
CA GLU B 90 9.84 -8.85 17.77
C GLU B 90 8.69 -9.84 17.66
N LEU B 91 8.16 -9.99 16.45
CA LEU B 91 7.06 -10.91 16.21
C LEU B 91 7.49 -12.34 16.46
N LEU B 92 8.73 -12.65 16.15
CA LEU B 92 9.27 -14.00 16.33
C LEU B 92 9.71 -14.24 17.78
N ASP B 93 9.47 -13.25 18.63
CA ASP B 93 9.80 -13.34 20.04
C ASP B 93 11.32 -13.44 20.29
N GLU B 94 12.12 -12.92 19.37
CA GLU B 94 13.57 -12.95 19.51
C GLU B 94 13.97 -11.64 20.19
N PRO B 95 14.86 -11.72 21.19
CA PRO B 95 15.34 -10.57 21.95
C PRO B 95 16.32 -9.70 21.18
N ILE B 96 16.49 -8.46 21.64
CA ILE B 96 17.42 -7.52 21.02
C ILE B 96 18.55 -7.25 22.01
N PRO B 97 19.72 -7.87 21.79
CA PRO B 97 20.84 -7.64 22.71
C PRO B 97 21.02 -6.14 22.96
N GLN B 98 21.12 -5.77 24.23
CA GLN B 98 21.29 -4.38 24.61
C GLN B 98 22.38 -3.69 23.79
N ILE B 99 23.37 -4.45 23.36
CA ILE B 99 24.46 -3.89 22.57
C ILE B 99 23.98 -3.57 21.14
N VAL B 100 23.09 -4.40 20.61
CA VAL B 100 22.56 -4.17 19.27
C VAL B 100 21.59 -3.00 19.32
N ALA B 101 20.74 -2.98 20.34
CA ALA B 101 19.77 -1.91 20.54
C ALA B 101 20.48 -0.57 20.54
N THR B 102 21.52 -0.46 21.36
CA THR B 102 22.27 0.77 21.44
C THR B 102 22.87 1.13 20.08
N ASP B 103 23.33 0.11 19.34
CA ASP B 103 23.89 0.38 18.02
C ASP B 103 22.83 0.93 17.06
N VAL B 104 21.61 0.42 17.15
CA VAL B 104 20.52 0.90 16.30
C VAL B 104 20.18 2.34 16.69
N CYS B 105 20.10 2.62 17.99
CA CYS B 105 19.79 3.96 18.47
C CYS B 105 20.81 4.95 17.93
N GLN B 106 22.08 4.59 18.03
CA GLN B 106 23.17 5.43 17.55
C GLN B 106 23.11 5.67 16.05
N PHE B 107 22.76 4.64 15.28
CA PHE B 107 22.68 4.80 13.83
C PHE B 107 21.54 5.75 13.49
N LEU B 108 20.38 5.51 14.10
CA LEU B 108 19.22 6.36 13.84
C LEU B 108 19.54 7.80 14.22
N GLU B 109 20.37 7.98 15.25
CA GLU B 109 20.77 9.31 15.66
C GLU B 109 21.48 9.99 14.49
N LEU B 110 22.27 9.21 13.75
CA LEU B 110 23.00 9.75 12.60
C LEU B 110 22.04 10.07 11.46
N CYS B 111 20.92 9.35 11.41
CA CYS B 111 19.95 9.58 10.36
C CYS B 111 19.06 10.78 10.65
N GLN B 112 18.99 11.18 11.92
CA GLN B 112 18.13 12.29 12.28
C GLN B 112 18.63 13.65 11.83
N SER B 113 17.74 14.43 11.23
CA SER B 113 18.07 15.74 10.72
C SER B 113 18.01 16.80 11.81
N PRO B 114 18.96 17.76 11.77
CA PRO B 114 18.96 18.81 12.78
C PRO B 114 17.67 19.62 12.76
N ASP B 115 16.96 19.56 11.63
CA ASP B 115 15.70 20.28 11.47
C ASP B 115 14.48 19.44 11.88
N GLY B 116 14.72 18.24 12.38
CA GLY B 116 13.64 17.36 12.78
C GLY B 116 13.38 16.27 11.76
N GLY B 117 12.88 15.12 12.21
CA GLY B 117 12.62 14.03 11.29
C GLY B 117 13.88 13.23 10.96
N PHE B 118 13.70 12.07 10.36
CA PHE B 118 14.83 11.21 10.00
C PHE B 118 14.97 11.02 8.50
N GLY B 119 16.22 10.92 8.04
CA GLY B 119 16.50 10.69 6.64
C GLY B 119 16.72 9.22 6.34
N GLY B 120 16.83 8.86 5.06
CA GLY B 120 17.02 7.46 4.68
C GLY B 120 18.39 6.89 5.02
N GLY B 121 19.26 7.74 5.58
CA GLY B 121 20.59 7.29 5.95
C GLY B 121 21.39 8.46 6.49
N PRO B 122 22.58 8.23 7.05
CA PRO B 122 23.41 9.31 7.61
C PRO B 122 23.63 10.45 6.61
N GLY B 123 23.23 11.65 6.99
CA GLY B 123 23.40 12.81 6.13
C GLY B 123 22.35 13.03 5.07
N GLN B 124 21.39 12.12 4.94
CA GLN B 124 20.36 12.32 3.93
C GLN B 124 19.30 13.27 4.49
N TYR B 125 18.60 13.97 3.60
CA TYR B 125 17.55 14.89 4.03
C TYR B 125 16.42 14.10 4.68
N PRO B 126 15.70 14.70 5.63
CA PRO B 126 14.59 14.03 6.31
C PRO B 126 13.45 13.74 5.35
N HIS B 127 12.68 12.71 5.66
CA HIS B 127 11.57 12.28 4.81
C HIS B 127 10.58 11.61 5.77
N LEU B 128 9.28 11.81 5.55
CA LEU B 128 8.30 11.21 6.45
C LEU B 128 8.31 9.69 6.54
N ALA B 129 8.63 9.01 5.45
CA ALA B 129 8.63 7.55 5.49
C ALA B 129 9.73 7.04 6.42
N PRO B 130 11.00 7.43 6.20
CA PRO B 130 12.01 6.92 7.14
C PRO B 130 11.78 7.46 8.55
N THR B 131 11.14 8.62 8.66
CA THR B 131 10.85 9.20 9.97
C THR B 131 9.91 8.24 10.71
N TYR B 132 8.89 7.77 10.01
CA TYR B 132 7.93 6.84 10.58
C TYR B 132 8.63 5.54 11.00
N ALA B 133 9.53 5.05 10.15
CA ALA B 133 10.25 3.82 10.46
C ALA B 133 11.23 3.98 11.63
N ALA B 134 11.92 5.11 11.67
CA ALA B 134 12.87 5.37 12.75
C ALA B 134 12.15 5.38 14.10
N VAL B 135 11.04 6.09 14.17
CA VAL B 135 10.29 6.17 15.42
C VAL B 135 9.74 4.82 15.83
N ASN B 136 9.24 4.05 14.87
CA ASN B 136 8.70 2.74 15.17
C ASN B 136 9.81 1.81 15.68
N ALA B 137 10.99 1.90 15.06
CA ALA B 137 12.11 1.08 15.46
C ALA B 137 12.51 1.42 16.90
N LEU B 138 12.70 2.70 17.17
CA LEU B 138 13.06 3.17 18.50
C LEU B 138 12.04 2.73 19.55
N CYS B 139 10.76 2.69 19.17
CA CYS B 139 9.75 2.27 20.13
C CYS B 139 9.79 0.77 20.39
N ILE B 140 10.17 0.00 19.37
CA ILE B 140 10.27 -1.45 19.55
C ILE B 140 11.39 -1.73 20.56
N ILE B 141 12.47 -0.98 20.46
CA ILE B 141 13.60 -1.12 21.37
C ILE B 141 13.08 -0.70 22.75
N GLY B 142 12.33 0.40 22.78
CA GLY B 142 11.71 0.88 24.00
C GLY B 142 12.52 1.22 25.23
N THR B 143 13.80 1.53 25.07
CA THR B 143 14.62 1.90 26.22
C THR B 143 14.64 3.42 26.31
N GLU B 144 15.04 3.94 27.46
CA GLU B 144 15.12 5.38 27.68
C GLU B 144 16.06 5.97 26.63
N GLU B 145 17.11 5.23 26.31
CA GLU B 145 18.07 5.69 25.31
C GLU B 145 17.38 5.83 23.96
N ALA B 146 16.55 4.85 23.61
CA ALA B 146 15.82 4.88 22.35
C ALA B 146 14.93 6.12 22.32
N TYR B 147 14.07 6.24 23.32
CA TYR B 147 13.14 7.37 23.41
C TYR B 147 13.87 8.71 23.32
N ASN B 148 15.01 8.84 24.00
CA ASN B 148 15.76 10.09 23.99
C ASN B 148 16.37 10.48 22.65
N VAL B 149 16.52 9.52 21.76
CA VAL B 149 17.09 9.85 20.46
C VAL B 149 16.26 10.90 19.76
N ILE B 150 14.94 10.73 19.81
CA ILE B 150 14.01 11.63 19.14
C ILE B 150 13.94 13.07 19.65
N ASN B 151 14.28 14.02 18.78
CA ASN B 151 14.20 15.42 19.12
C ASN B 151 12.74 15.83 18.86
N ARG B 152 11.92 15.79 19.91
CA ARG B 152 10.50 16.10 19.83
C ARG B 152 10.16 17.51 19.32
N GLU B 153 10.87 18.51 19.81
CA GLU B 153 10.60 19.88 19.40
C GLU B 153 10.82 20.05 17.89
N LYS B 154 11.92 19.53 17.39
CA LYS B 154 12.22 19.65 15.97
C LYS B 154 11.29 18.77 15.12
N LEU B 155 10.85 17.65 15.66
CA LEU B 155 9.95 16.77 14.93
C LEU B 155 8.64 17.53 14.66
N LEU B 156 8.14 18.22 15.68
CA LEU B 156 6.91 18.98 15.54
C LEU B 156 7.13 20.07 14.50
N GLN B 157 8.26 20.76 14.62
CA GLN B 157 8.61 21.81 13.67
C GLN B 157 8.62 21.23 12.26
N TYR B 158 9.20 20.04 12.12
CA TYR B 158 9.29 19.38 10.82
C TYR B 158 7.91 19.06 10.26
N LEU B 159 7.02 18.48 11.08
CA LEU B 159 5.67 18.16 10.60
C LEU B 159 4.97 19.42 10.11
N TYR B 160 5.11 20.52 10.83
CA TYR B 160 4.49 21.78 10.41
C TYR B 160 5.00 22.26 9.06
N SER B 161 6.29 22.05 8.79
CA SER B 161 6.84 22.51 7.52
C SER B 161 6.31 21.70 6.34
N LEU B 162 5.70 20.56 6.63
CA LEU B 162 5.16 19.71 5.57
C LEU B 162 3.64 19.85 5.45
N LYS B 163 3.03 20.42 6.48
CA LYS B 163 1.58 20.60 6.51
C LYS B 163 1.09 21.54 5.41
N GLN B 164 0.06 21.11 4.70
CA GLN B 164 -0.52 21.90 3.63
C GLN B 164 -1.85 22.50 4.09
N PRO B 165 -2.27 23.60 3.45
CA PRO B 165 -3.52 24.30 3.75
C PRO B 165 -4.76 23.41 3.58
N ASP B 166 -4.72 22.50 2.62
CA ASP B 166 -5.86 21.62 2.36
C ASP B 166 -5.96 20.44 3.32
N GLY B 167 -5.05 20.38 4.29
CA GLY B 167 -5.08 19.30 5.27
C GLY B 167 -4.07 18.18 5.07
N SER B 168 -3.50 18.10 3.87
CA SER B 168 -2.52 17.06 3.57
C SER B 168 -1.12 17.41 4.06
N PHE B 169 -0.19 16.48 3.86
CA PHE B 169 1.20 16.66 4.24
C PHE B 169 2.10 16.23 3.10
N LEU B 170 3.20 16.94 2.89
CA LEU B 170 4.15 16.56 1.87
C LEU B 170 4.94 15.41 2.51
N MET B 171 5.54 14.53 1.70
CA MET B 171 6.36 13.43 2.24
C MET B 171 7.68 14.03 2.72
N HIS B 172 8.06 15.15 2.11
CA HIS B 172 9.30 15.86 2.45
C HIS B 172 9.29 17.21 1.73
N VAL B 173 10.14 18.13 2.17
CA VAL B 173 10.23 19.45 1.55
C VAL B 173 10.44 19.33 0.04
N GLY B 174 9.61 20.03 -0.73
CA GLY B 174 9.71 19.96 -2.17
C GLY B 174 9.33 18.60 -2.73
N GLY B 175 8.64 17.80 -1.91
CA GLY B 175 8.25 16.47 -2.34
C GLY B 175 6.79 16.31 -2.73
N GLU B 176 6.32 15.06 -2.75
CA GLU B 176 4.94 14.79 -3.13
C GLU B 176 3.97 14.59 -1.97
N VAL B 177 2.69 14.62 -2.30
CA VAL B 177 1.64 14.41 -1.31
C VAL B 177 0.80 13.18 -1.62
N ASP B 178 0.47 12.43 -0.59
CA ASP B 178 -0.40 11.25 -0.70
C ASP B 178 -0.77 10.79 0.71
N VAL B 179 -1.77 9.91 0.81
CA VAL B 179 -2.27 9.43 2.10
C VAL B 179 -1.22 8.88 3.09
N ARG B 180 -0.16 8.27 2.57
CA ARG B 180 0.88 7.71 3.42
C ARG B 180 1.48 8.76 4.35
N SER B 181 1.62 9.98 3.86
CA SER B 181 2.22 11.04 4.66
C SER B 181 1.36 11.41 5.86
N ALA B 182 0.04 11.36 5.68
CA ALA B 182 -0.87 11.68 6.77
C ALA B 182 -0.72 10.61 7.83
N TYR B 183 -0.57 9.35 7.41
CA TYR B 183 -0.40 8.26 8.37
C TYR B 183 0.94 8.35 9.09
N CYS B 184 2.01 8.60 8.33
CA CYS B 184 3.34 8.71 8.94
C CYS B 184 3.35 9.80 10.01
N ALA B 185 2.73 10.93 9.70
CA ALA B 185 2.67 12.06 10.63
C ALA B 185 1.85 11.75 11.86
N ALA B 186 0.63 11.26 11.65
CA ALA B 186 -0.26 10.92 12.74
C ALA B 186 0.34 9.83 13.64
N SER B 187 1.10 8.92 13.03
CA SER B 187 1.73 7.86 13.79
C SER B 187 2.84 8.38 14.70
N VAL B 188 3.78 9.13 14.15
CA VAL B 188 4.88 9.64 14.98
C VAL B 188 4.43 10.72 15.95
N ALA B 189 3.50 11.56 15.51
CA ALA B 189 3.01 12.65 16.33
C ALA B 189 2.27 12.13 17.56
N SER B 190 1.51 11.05 17.38
CA SER B 190 0.75 10.48 18.49
C SER B 190 1.65 9.70 19.46
N LEU B 191 2.57 8.91 18.92
CA LEU B 191 3.48 8.14 19.76
C LEU B 191 4.38 9.02 20.62
N THR B 192 4.83 10.14 20.07
CA THR B 192 5.73 11.03 20.80
C THR B 192 5.02 12.18 21.52
N ASN B 193 3.69 12.20 21.47
CA ASN B 193 2.90 13.23 22.13
C ASN B 193 3.28 14.67 21.74
N ILE B 194 3.23 14.97 20.45
CA ILE B 194 3.54 16.31 19.98
C ILE B 194 2.35 16.87 19.19
N ILE B 195 1.17 16.29 19.38
CA ILE B 195 0.01 16.78 18.64
C ILE B 195 -0.56 18.06 19.23
N THR B 196 -0.55 19.13 18.43
CA THR B 196 -1.08 20.41 18.86
C THR B 196 -2.53 20.50 18.39
N PRO B 197 -3.28 21.47 18.92
CA PRO B 197 -4.68 21.62 18.52
C PRO B 197 -4.94 21.73 17.02
N ASP B 198 -4.03 22.39 16.29
CA ASP B 198 -4.22 22.58 14.85
C ASP B 198 -3.31 21.78 13.90
N LEU B 199 -2.42 20.97 14.45
CA LEU B 199 -1.51 20.19 13.59
C LEU B 199 -2.23 19.41 12.49
N PHE B 200 -3.31 18.72 12.85
CA PHE B 200 -4.05 17.92 11.88
C PHE B 200 -5.37 18.51 11.44
N GLU B 201 -5.45 19.83 11.43
CA GLU B 201 -6.67 20.51 11.01
C GLU B 201 -6.90 20.21 9.52
N GLY B 202 -8.07 19.70 9.20
CA GLY B 202 -8.39 19.39 7.83
C GLY B 202 -7.85 18.07 7.31
N THR B 203 -7.01 17.40 8.07
CA THR B 203 -6.44 16.14 7.62
C THR B 203 -7.46 15.01 7.46
N ALA B 204 -8.37 14.87 8.41
CA ALA B 204 -9.39 13.84 8.33
C ALA B 204 -10.23 14.06 7.08
N GLU B 205 -10.55 15.32 6.80
CA GLU B 205 -11.35 15.65 5.63
C GLU B 205 -10.62 15.36 4.33
N TRP B 206 -9.32 15.63 4.31
CA TRP B 206 -8.53 15.40 3.12
C TRP B 206 -8.47 13.90 2.81
N ILE B 207 -8.26 13.10 3.85
CA ILE B 207 -8.18 11.65 3.71
C ILE B 207 -9.53 11.11 3.19
N ALA B 208 -10.63 11.63 3.72
CA ALA B 208 -11.97 11.20 3.30
C ALA B 208 -12.17 11.44 1.79
N ARG B 209 -11.61 12.53 1.28
CA ARG B 209 -11.72 12.84 -0.15
C ARG B 209 -11.01 11.78 -0.97
N CYS B 210 -10.13 11.00 -0.34
CA CYS B 210 -9.40 9.95 -1.03
C CYS B 210 -10.18 8.64 -1.13
N GLN B 211 -11.31 8.56 -0.43
CA GLN B 211 -12.12 7.35 -0.53
C GLN B 211 -12.94 7.52 -1.82
N ASN B 212 -12.91 6.51 -2.69
CA ASN B 212 -13.62 6.59 -3.96
C ASN B 212 -14.83 5.66 -4.13
N TRP B 213 -15.36 5.63 -5.34
CA TRP B 213 -16.53 4.82 -5.70
C TRP B 213 -16.39 3.33 -5.36
N GLU B 214 -15.16 2.84 -5.24
CA GLU B 214 -14.91 1.43 -4.93
C GLU B 214 -15.11 1.08 -3.46
N GLY B 215 -15.02 2.08 -2.59
CA GLY B 215 -15.15 1.83 -1.15
C GLY B 215 -13.79 1.96 -0.50
N GLY B 216 -12.72 1.73 -1.28
CA GLY B 216 -11.39 1.83 -0.74
C GLY B 216 -10.82 3.24 -0.84
N ILE B 217 -9.54 3.39 -0.54
CA ILE B 217 -8.87 4.70 -0.58
C ILE B 217 -7.68 4.75 -1.54
N GLY B 218 -7.63 5.82 -2.34
CA GLY B 218 -6.53 5.99 -3.30
C GLY B 218 -5.43 6.88 -2.72
N GLY B 219 -4.28 6.95 -3.39
CA GLY B 219 -3.16 7.76 -2.91
C GLY B 219 -3.52 9.23 -2.73
N VAL B 220 -4.23 9.77 -3.71
CA VAL B 220 -4.69 11.15 -3.69
C VAL B 220 -6.12 11.09 -4.25
N PRO B 221 -6.92 12.14 -4.02
CA PRO B 221 -8.30 12.13 -4.52
C PRO B 221 -8.36 11.85 -6.03
N GLY B 222 -9.23 10.93 -6.42
CA GLY B 222 -9.39 10.58 -7.81
C GLY B 222 -8.74 9.25 -8.20
N MET B 223 -7.73 8.83 -7.44
CA MET B 223 -7.03 7.58 -7.74
C MET B 223 -7.71 6.30 -7.31
N GLU B 224 -7.32 5.21 -7.97
CA GLU B 224 -7.84 3.88 -7.72
C GLU B 224 -7.58 3.45 -6.27
N ALA B 225 -8.54 2.74 -5.69
CA ALA B 225 -8.42 2.28 -4.31
C ALA B 225 -7.29 1.25 -4.21
N HIS B 226 -6.45 1.38 -3.19
CA HIS B 226 -5.34 0.46 -3.01
C HIS B 226 -5.12 0.13 -1.54
N GLY B 227 -4.87 -1.14 -1.27
CA GLY B 227 -4.66 -1.60 0.10
C GLY B 227 -3.66 -0.81 0.92
N GLY B 228 -2.54 -0.43 0.31
CA GLY B 228 -1.52 0.30 1.05
C GLY B 228 -2.04 1.65 1.53
N TYR B 229 -2.66 2.38 0.62
CA TYR B 229 -3.22 3.70 0.93
C TYR B 229 -4.45 3.61 1.80
N THR B 230 -5.21 2.53 1.66
CA THR B 230 -6.41 2.39 2.47
C THR B 230 -6.00 2.14 3.92
N PHE B 231 -4.99 1.31 4.14
CA PHE B 231 -4.54 1.06 5.50
C PHE B 231 -4.08 2.38 6.11
N CYS B 232 -3.22 3.10 5.39
CA CYS B 232 -2.70 4.38 5.88
C CYS B 232 -3.83 5.34 6.18
N GLY B 233 -4.83 5.38 5.30
CA GLY B 233 -5.95 6.29 5.50
C GLY B 233 -6.76 5.99 6.76
N LEU B 234 -7.24 4.76 6.88
CA LEU B 234 -8.04 4.38 8.03
C LEU B 234 -7.25 4.43 9.33
N ALA B 235 -6.01 3.96 9.30
CA ALA B 235 -5.20 3.97 10.52
C ALA B 235 -4.97 5.40 10.99
N ALA B 236 -4.75 6.33 10.05
CA ALA B 236 -4.53 7.72 10.43
C ALA B 236 -5.82 8.28 11.04
N LEU B 237 -6.96 7.91 10.47
CA LEU B 237 -8.23 8.38 10.99
C LEU B 237 -8.54 7.82 12.38
N VAL B 238 -8.10 6.59 12.64
CA VAL B 238 -8.33 5.98 13.94
C VAL B 238 -7.52 6.74 14.99
N ILE B 239 -6.31 7.13 14.62
CA ILE B 239 -5.42 7.88 15.50
C ILE B 239 -6.06 9.23 15.84
N LEU B 240 -6.65 9.86 14.83
CA LEU B 240 -7.30 11.15 14.99
C LEU B 240 -8.73 11.02 15.51
N LYS B 241 -9.19 9.78 15.65
CA LYS B 241 -10.55 9.52 16.13
C LYS B 241 -11.61 10.11 15.21
N LYS B 242 -11.33 10.09 13.92
CA LYS B 242 -12.25 10.60 12.92
C LYS B 242 -12.68 9.51 11.94
N GLU B 243 -12.65 8.24 12.34
CA GLU B 243 -13.04 7.19 11.39
C GLU B 243 -14.43 7.40 10.82
N ARG B 244 -15.32 8.05 11.57
CA ARG B 244 -16.68 8.29 11.09
C ARG B 244 -16.65 9.05 9.75
N SER B 245 -15.56 9.77 9.49
CA SER B 245 -15.45 10.55 8.26
C SER B 245 -15.51 9.70 6.99
N LEU B 246 -15.38 8.38 7.13
CA LEU B 246 -15.43 7.50 5.98
C LEU B 246 -16.71 6.70 5.96
N ASN B 247 -17.06 6.20 4.78
CA ASN B 247 -18.21 5.33 4.66
C ASN B 247 -17.56 3.99 5.03
N LEU B 248 -17.69 3.60 6.30
CA LEU B 248 -17.09 2.37 6.77
C LEU B 248 -17.67 1.10 6.15
N LYS B 249 -18.92 1.13 5.74
CA LYS B 249 -19.52 -0.05 5.14
C LYS B 249 -19.05 -0.33 3.71
N SER B 250 -18.88 0.70 2.90
CA SER B 250 -18.39 0.49 1.54
C SER B 250 -16.90 0.10 1.63
N LEU B 251 -16.23 0.58 2.67
CA LEU B 251 -14.82 0.25 2.87
C LEU B 251 -14.74 -1.22 3.30
N LEU B 252 -15.61 -1.63 4.22
CA LEU B 252 -15.60 -3.01 4.69
C LEU B 252 -15.87 -3.98 3.54
N GLN B 253 -16.80 -3.64 2.66
CA GLN B 253 -17.09 -4.53 1.55
C GLN B 253 -15.95 -4.57 0.55
N TRP B 254 -15.27 -3.43 0.37
CA TRP B 254 -14.16 -3.36 -0.56
C TRP B 254 -12.99 -4.23 -0.10
N VAL B 255 -12.56 -4.08 1.16
CA VAL B 255 -11.42 -4.84 1.65
C VAL B 255 -11.67 -6.33 1.74
N THR B 256 -12.87 -6.75 2.15
CA THR B 256 -13.13 -8.19 2.25
C THR B 256 -13.12 -8.81 0.86
N SER B 257 -13.46 -8.01 -0.15
CA SER B 257 -13.47 -8.49 -1.54
C SER B 257 -12.04 -8.66 -2.09
N ARG B 258 -11.08 -8.05 -1.41
CA ARG B 258 -9.68 -8.11 -1.84
C ARG B 258 -8.99 -9.44 -1.50
N GLN B 259 -9.63 -10.27 -0.68
CA GLN B 259 -9.06 -11.56 -0.35
C GLN B 259 -9.39 -12.51 -1.51
N MET B 260 -8.37 -13.21 -2.01
CA MET B 260 -8.53 -14.11 -3.15
C MET B 260 -9.18 -15.45 -2.78
N ARG B 261 -10.35 -15.72 -3.35
CA ARG B 261 -11.07 -16.95 -3.05
C ARG B 261 -10.17 -18.17 -3.23
N PHE B 262 -9.29 -18.14 -4.24
CA PHE B 262 -8.45 -19.30 -4.47
C PHE B 262 -7.14 -19.30 -3.70
N GLU B 263 -6.32 -18.26 -3.85
CA GLU B 263 -5.04 -18.26 -3.15
C GLU B 263 -5.15 -18.12 -1.62
N GLY B 264 -6.16 -17.39 -1.15
CA GLY B 264 -6.32 -17.21 0.28
C GLY B 264 -5.65 -15.94 0.79
N GLY B 265 -4.73 -15.40 0.00
CA GLY B 265 -4.05 -14.17 0.39
C GLY B 265 -4.83 -12.98 -0.15
N PHE B 266 -4.28 -11.79 0.02
CA PHE B 266 -4.94 -10.58 -0.45
C PHE B 266 -4.21 -9.94 -1.64
N GLN B 267 -5.00 -9.30 -2.51
CA GLN B 267 -4.50 -8.57 -3.66
C GLN B 267 -4.51 -7.10 -3.20
N GLY B 268 -3.74 -6.24 -3.87
CA GLY B 268 -3.68 -4.84 -3.47
C GLY B 268 -4.79 -3.97 -4.02
N ARG B 269 -5.36 -4.38 -5.13
CA ARG B 269 -6.43 -3.63 -5.74
C ARG B 269 -7.21 -4.60 -6.60
N CYS B 270 -8.45 -4.25 -6.90
CA CYS B 270 -9.28 -5.11 -7.69
C CYS B 270 -8.64 -5.51 -9.01
N ASN B 271 -8.74 -6.80 -9.29
CA ASN B 271 -8.19 -7.39 -10.50
C ASN B 271 -6.68 -7.45 -10.66
N LYS B 272 -5.93 -7.37 -9.57
CA LYS B 272 -4.51 -7.61 -9.74
C LYS B 272 -4.11 -8.81 -8.91
N LEU B 273 -2.80 -9.05 -8.80
CA LEU B 273 -2.32 -10.24 -8.13
C LEU B 273 -2.18 -10.27 -6.62
N VAL B 274 -2.28 -11.48 -6.08
CA VAL B 274 -2.15 -11.71 -4.65
C VAL B 274 -0.71 -11.38 -4.31
N ASP B 275 -0.48 -10.99 -3.06
CA ASP B 275 0.85 -10.63 -2.61
C ASP B 275 0.91 -10.70 -1.09
N GLY B 276 1.86 -11.49 -0.59
CA GLY B 276 2.02 -11.67 0.84
C GLY B 276 2.07 -10.43 1.72
N CYS B 277 2.60 -9.32 1.23
CA CYS B 277 2.68 -8.14 2.07
C CYS B 277 1.31 -7.56 2.38
N TYR B 278 0.32 -7.83 1.53
CA TYR B 278 -1.02 -7.32 1.77
C TYR B 278 -1.68 -8.07 2.91
N SER B 279 -1.01 -9.12 3.40
CA SER B 279 -1.54 -9.88 4.51
C SER B 279 -1.64 -8.91 5.68
N PHE B 280 -0.85 -7.83 5.62
CA PHE B 280 -0.94 -6.84 6.67
C PHE B 280 -1.75 -5.62 6.23
N TRP B 281 -1.33 -4.98 5.14
CA TRP B 281 -2.00 -3.78 4.66
C TRP B 281 -3.51 -3.95 4.48
N GLN B 282 -3.92 -5.07 3.90
CA GLN B 282 -5.34 -5.33 3.66
C GLN B 282 -6.02 -5.95 4.89
N ALA B 283 -5.52 -7.11 5.32
CA ALA B 283 -6.09 -7.81 6.47
C ALA B 283 -6.06 -6.97 7.73
N GLY B 284 -5.04 -6.12 7.85
CA GLY B 284 -4.91 -5.26 9.02
C GLY B 284 -6.07 -4.28 9.13
N LEU B 285 -6.81 -4.10 8.03
CA LEU B 285 -7.95 -3.21 8.00
C LEU B 285 -9.14 -3.76 8.78
N LEU B 286 -9.26 -5.08 8.84
CA LEU B 286 -10.38 -5.68 9.56
C LEU B 286 -10.40 -5.34 11.06
N PRO B 287 -9.24 -5.44 11.73
CA PRO B 287 -9.21 -5.11 13.16
C PRO B 287 -9.58 -3.63 13.34
N LEU B 288 -9.03 -2.76 12.50
CA LEU B 288 -9.33 -1.35 12.61
C LEU B 288 -10.83 -1.08 12.42
N LEU B 289 -11.42 -1.76 11.46
CA LEU B 289 -12.85 -1.62 11.17
C LEU B 289 -13.70 -2.19 12.30
N HIS B 290 -13.25 -3.30 12.87
CA HIS B 290 -13.97 -3.95 13.96
C HIS B 290 -14.05 -2.98 15.13
N ARG B 291 -12.93 -2.35 15.43
CA ARG B 291 -12.83 -1.37 16.51
C ARG B 291 -13.73 -0.18 16.25
N ALA B 292 -13.69 0.34 15.03
CA ALA B 292 -14.50 1.49 14.67
C ALA B 292 -16.00 1.20 14.76
N LEU B 293 -16.42 0.08 14.18
CA LEU B 293 -17.84 -0.29 14.19
C LEU B 293 -18.31 -0.56 15.61
N HIS B 294 -17.43 -1.17 16.40
CA HIS B 294 -17.72 -1.49 17.79
C HIS B 294 -17.91 -0.19 18.58
N ALA B 295 -17.15 0.83 18.22
CA ALA B 295 -17.23 2.12 18.89
C ALA B 295 -18.61 2.73 18.64
N GLN B 296 -19.17 2.46 17.46
CA GLN B 296 -20.49 2.99 17.12
C GLN B 296 -21.55 2.06 17.69
N GLY B 297 -21.11 1.12 18.54
CA GLY B 297 -22.04 0.18 19.15
C GLY B 297 -22.70 -0.82 18.22
N ASP B 298 -22.00 -1.21 17.16
CA ASP B 298 -22.52 -2.19 16.20
C ASP B 298 -22.71 -3.49 16.97
N PRO B 299 -23.95 -4.01 17.00
CA PRO B 299 -24.31 -5.25 17.69
C PRO B 299 -24.06 -6.58 16.95
N ALA B 300 -23.97 -6.52 15.62
CA ALA B 300 -23.77 -7.72 14.83
C ALA B 300 -22.33 -8.22 14.66
N LEU B 301 -21.36 -7.48 15.20
CA LEU B 301 -19.96 -7.87 15.09
C LEU B 301 -19.67 -9.23 15.74
N SER B 302 -18.75 -9.99 15.15
CA SER B 302 -18.39 -11.30 15.68
C SER B 302 -17.67 -11.11 17.02
N MET B 303 -17.57 -12.18 17.80
CA MET B 303 -16.90 -12.11 19.09
C MET B 303 -15.75 -13.11 19.17
N SER B 304 -15.33 -13.59 18.01
CA SER B 304 -14.22 -14.56 17.97
C SER B 304 -13.31 -14.42 16.74
N HIS B 305 -13.83 -13.89 15.64
CA HIS B 305 -13.04 -13.75 14.41
C HIS B 305 -13.13 -12.39 13.69
N TRP B 306 -12.08 -12.08 12.93
CA TRP B 306 -12.03 -10.86 12.13
C TRP B 306 -12.91 -11.14 10.91
N MET B 307 -13.32 -10.12 10.18
CA MET B 307 -14.16 -10.35 9.01
C MET B 307 -13.41 -10.68 7.71
N PHE B 308 -12.59 -11.72 7.77
CA PHE B 308 -11.85 -12.20 6.62
C PHE B 308 -11.48 -13.62 6.98
N HIS B 309 -11.17 -14.44 5.98
CA HIS B 309 -10.83 -15.84 6.26
C HIS B 309 -9.46 -15.98 6.86
N GLN B 310 -9.42 -15.98 8.19
CA GLN B 310 -8.16 -16.11 8.91
C GLN B 310 -7.38 -17.36 8.57
N GLN B 311 -8.10 -18.48 8.42
CA GLN B 311 -7.46 -19.75 8.11
C GLN B 311 -6.82 -19.74 6.72
N ALA B 312 -7.57 -19.30 5.72
CA ALA B 312 -7.05 -19.25 4.36
C ALA B 312 -5.79 -18.39 4.26
N LEU B 313 -5.81 -17.25 4.94
CA LEU B 313 -4.65 -16.35 4.90
C LEU B 313 -3.41 -17.01 5.49
N GLN B 314 -3.57 -17.64 6.65
CA GLN B 314 -2.45 -18.30 7.30
C GLN B 314 -1.89 -19.41 6.41
N GLU B 315 -2.79 -20.07 5.67
CA GLU B 315 -2.39 -21.15 4.77
C GLU B 315 -1.58 -20.60 3.60
N TYR B 316 -2.00 -19.48 3.03
CA TYR B 316 -1.26 -18.89 1.92
C TYR B 316 0.14 -18.51 2.38
N ILE B 317 0.22 -17.84 3.52
CA ILE B 317 1.49 -17.42 4.07
C ILE B 317 2.42 -18.57 4.44
N LEU B 318 1.88 -19.56 5.15
CA LEU B 318 2.70 -20.69 5.58
C LEU B 318 3.18 -21.62 4.46
N MET B 319 2.31 -21.91 3.49
CA MET B 319 2.68 -22.78 2.39
C MET B 319 3.33 -22.08 1.21
N CYS B 320 2.88 -20.87 0.90
CA CYS B 320 3.41 -20.16 -0.26
C CYS B 320 4.42 -19.03 -0.08
N CYS B 321 4.47 -18.41 1.09
CA CYS B 321 5.37 -17.27 1.25
C CYS B 321 6.66 -17.45 2.03
N GLN B 322 7.02 -18.68 2.39
CA GLN B 322 8.27 -18.86 3.11
C GLN B 322 9.38 -19.33 2.20
N CYS B 323 10.55 -18.73 2.37
CA CYS B 323 11.72 -19.14 1.60
C CYS B 323 12.37 -20.23 2.46
N PRO B 324 12.62 -21.41 1.88
CA PRO B 324 13.25 -22.53 2.63
C PRO B 324 14.49 -22.07 3.38
N ALA B 325 15.28 -21.22 2.73
CA ALA B 325 16.51 -20.69 3.31
C ALA B 325 16.26 -19.61 4.38
N GLY B 326 14.99 -19.34 4.67
CA GLY B 326 14.68 -18.32 5.67
C GLY B 326 14.23 -17.02 5.01
N GLY B 327 13.26 -16.34 5.65
CA GLY B 327 12.74 -15.11 5.10
C GLY B 327 11.43 -15.40 4.39
N LEU B 328 10.61 -14.37 4.16
CA LEU B 328 9.34 -14.57 3.48
C LEU B 328 9.24 -13.74 2.21
N LEU B 329 8.20 -13.97 1.41
CA LEU B 329 8.10 -13.27 0.16
C LEU B 329 6.71 -13.01 -0.40
N ASP B 330 6.68 -12.26 -1.50
CA ASP B 330 5.48 -11.88 -2.21
C ASP B 330 4.59 -13.08 -2.59
N LYS B 331 5.06 -13.88 -3.53
CA LYS B 331 4.33 -15.07 -3.98
C LYS B 331 5.37 -16.09 -4.45
N PRO B 332 4.96 -17.36 -4.62
CA PRO B 332 5.91 -18.39 -5.08
C PRO B 332 6.66 -17.95 -6.33
N GLY B 333 7.97 -18.11 -6.31
CA GLY B 333 8.76 -17.70 -7.46
C GLY B 333 9.48 -16.37 -7.29
N LYS B 334 9.07 -15.59 -6.29
CA LYS B 334 9.71 -14.31 -6.03
C LYS B 334 10.86 -14.49 -5.05
N SER B 335 11.75 -13.50 -5.00
CA SER B 335 12.91 -13.55 -4.09
C SER B 335 12.50 -13.01 -2.73
N ARG B 336 13.15 -13.52 -1.69
CA ARG B 336 12.86 -13.09 -0.32
C ARG B 336 13.43 -11.69 -0.11
N ASP B 337 12.91 -11.00 0.89
CA ASP B 337 13.41 -9.67 1.24
C ASP B 337 12.88 -9.29 2.62
N PHE B 338 13.53 -8.34 3.27
CA PHE B 338 13.12 -7.94 4.61
C PHE B 338 11.76 -7.26 4.72
N TYR B 339 11.33 -6.61 3.65
CA TYR B 339 10.02 -5.96 3.64
C TYR B 339 8.91 -7.01 3.73
N HIS B 340 8.97 -8.02 2.87
CA HIS B 340 7.96 -9.06 2.90
C HIS B 340 8.04 -9.92 4.13
N THR B 341 9.24 -10.09 4.66
CA THR B 341 9.42 -10.87 5.88
C THR B 341 8.65 -10.16 6.99
N CYS B 342 8.82 -8.85 7.07
CA CYS B 342 8.13 -8.05 8.08
C CYS B 342 6.61 -8.12 7.96
N TYR B 343 6.08 -7.84 6.77
CA TYR B 343 4.63 -7.82 6.59
C TYR B 343 3.93 -9.16 6.45
N CYS B 344 4.62 -10.17 5.96
CA CYS B 344 3.99 -11.49 5.89
C CYS B 344 3.80 -11.93 7.33
N LEU B 345 4.81 -11.67 8.16
CA LEU B 345 4.74 -12.04 9.58
C LEU B 345 3.70 -11.20 10.31
N SER B 346 3.65 -9.92 10.00
CA SER B 346 2.67 -9.02 10.64
C SER B 346 1.26 -9.51 10.34
N GLY B 347 1.03 -9.85 9.08
CA GLY B 347 -0.27 -10.33 8.67
C GLY B 347 -0.60 -11.66 9.32
N LEU B 348 0.40 -12.53 9.49
CA LEU B 348 0.16 -13.83 10.11
C LEU B 348 -0.30 -13.61 11.56
N SER B 349 0.38 -12.74 12.26
CA SER B 349 0.04 -12.42 13.65
C SER B 349 -1.40 -11.94 13.72
N ILE B 350 -1.75 -10.98 12.86
CA ILE B 350 -3.10 -10.46 12.83
C ILE B 350 -4.11 -11.58 12.59
N ALA B 351 -3.78 -12.47 11.67
CA ALA B 351 -4.65 -13.60 11.32
C ALA B 351 -4.80 -14.61 12.48
N GLN B 352 -3.79 -14.67 13.34
CA GLN B 352 -3.78 -15.58 14.48
C GLN B 352 -4.54 -15.06 15.70
N HIS B 353 -4.43 -13.76 15.95
CA HIS B 353 -5.03 -13.17 17.14
C HIS B 353 -6.22 -12.24 16.99
N PHE B 354 -7.36 -12.64 17.56
CA PHE B 354 -8.56 -11.82 17.55
C PHE B 354 -8.78 -11.23 18.95
N GLY B 355 -9.35 -10.03 19.00
CA GLY B 355 -9.60 -9.40 20.28
C GLY B 355 -10.49 -8.19 20.16
N SER B 356 -11.54 -8.14 20.98
CA SER B 356 -12.48 -7.03 21.00
C SER B 356 -13.10 -6.93 22.38
N GLY B 357 -12.61 -5.98 23.17
CA GLY B 357 -13.14 -5.82 24.51
C GLY B 357 -12.62 -6.92 25.42
N ALA B 358 -13.54 -7.67 26.00
CA ALA B 358 -13.19 -8.77 26.90
C ALA B 358 -12.97 -10.08 26.15
N MET B 359 -13.32 -10.11 24.87
CA MET B 359 -13.18 -11.31 24.08
C MET B 359 -11.80 -11.46 23.42
N LEU B 360 -11.21 -12.63 23.59
CA LEU B 360 -9.92 -12.97 23.02
C LEU B 360 -10.07 -14.35 22.40
N HIS B 361 -9.50 -14.55 21.22
CA HIS B 361 -9.62 -15.85 20.56
C HIS B 361 -8.53 -16.00 19.51
N ASP B 362 -7.76 -17.08 19.62
CA ASP B 362 -6.67 -17.35 18.70
C ASP B 362 -6.99 -18.48 17.71
N VAL B 363 -6.38 -18.39 16.54
CA VAL B 363 -6.52 -19.38 15.48
C VAL B 363 -5.11 -19.59 14.97
N VAL B 364 -4.50 -20.71 15.36
CA VAL B 364 -3.14 -21.00 14.94
C VAL B 364 -3.09 -22.24 14.05
N MET B 365 -2.91 -22.03 12.74
CA MET B 365 -2.84 -23.15 11.82
C MET B 365 -1.46 -23.78 11.88
N GLY B 366 -1.39 -25.08 11.62
CA GLY B 366 -0.12 -25.79 11.67
C GLY B 366 0.28 -26.09 13.09
N VAL B 367 1.57 -26.28 13.34
CA VAL B 367 2.04 -26.59 14.69
C VAL B 367 1.89 -25.36 15.60
N PRO B 368 1.48 -25.59 16.86
CA PRO B 368 1.29 -24.50 17.83
C PRO B 368 2.50 -23.57 17.98
N GLU B 369 3.70 -24.04 17.65
CA GLU B 369 4.90 -23.18 17.74
C GLU B 369 4.80 -22.07 16.68
N ASN B 370 3.75 -22.14 15.86
CA ASN B 370 3.53 -21.16 14.80
C ASN B 370 3.00 -19.83 15.33
N VAL B 371 2.48 -19.82 16.56
CA VAL B 371 1.92 -18.59 17.12
C VAL B 371 2.97 -17.51 17.31
N LEU B 372 2.63 -16.31 16.84
CA LEU B 372 3.53 -15.17 16.93
C LEU B 372 3.04 -14.18 17.98
N GLN B 373 3.92 -13.29 18.38
CA GLN B 373 3.57 -12.23 19.33
C GLN B 373 2.56 -11.34 18.60
N PRO B 374 1.58 -10.79 19.32
CA PRO B 374 0.58 -9.92 18.70
C PRO B 374 1.16 -8.59 18.21
N THR B 375 0.46 -7.96 17.27
CA THR B 375 0.92 -6.69 16.74
C THR B 375 -0.23 -5.70 16.78
N HIS B 376 0.09 -4.43 17.05
CA HIS B 376 -0.94 -3.41 17.11
C HIS B 376 -1.35 -3.03 15.70
N PRO B 377 -2.65 -3.16 15.38
CA PRO B 377 -3.17 -2.85 14.05
C PRO B 377 -2.95 -1.42 13.51
N VAL B 378 -2.80 -0.44 14.39
CA VAL B 378 -2.57 0.95 13.95
C VAL B 378 -1.11 1.25 13.63
N TYR B 379 -0.21 0.91 14.56
CA TYR B 379 1.22 1.19 14.41
C TYR B 379 2.05 0.05 13.85
N ASN B 380 1.56 -1.16 14.00
CA ASN B 380 2.25 -2.36 13.55
C ASN B 380 3.58 -2.57 14.27
N ILE B 381 3.50 -2.51 15.59
CA ILE B 381 4.62 -2.77 16.50
C ILE B 381 3.88 -3.41 17.66
N GLY B 382 4.56 -4.15 18.53
CA GLY B 382 3.87 -4.78 19.63
C GLY B 382 2.97 -3.85 20.43
N PRO B 383 1.77 -4.33 20.82
CA PRO B 383 0.81 -3.53 21.61
C PRO B 383 1.47 -2.99 22.88
N ASP B 384 2.34 -3.80 23.47
CA ASP B 384 3.04 -3.42 24.68
C ASP B 384 3.96 -2.23 24.42
N LYS B 385 4.61 -2.24 23.26
CA LYS B 385 5.53 -1.18 22.87
C LYS B 385 4.78 0.13 22.63
N VAL B 386 3.53 0.02 22.17
CA VAL B 386 2.72 1.21 21.93
C VAL B 386 2.39 1.87 23.27
N ILE B 387 1.86 1.08 24.21
CA ILE B 387 1.51 1.58 25.54
C ILE B 387 2.72 2.15 26.27
N GLN B 388 3.83 1.40 26.24
CA GLN B 388 5.04 1.85 26.91
C GLN B 388 5.54 3.18 26.33
N ALA B 389 5.58 3.28 25.00
CA ALA B 389 6.04 4.51 24.37
C ALA B 389 5.10 5.67 24.64
N THR B 390 3.80 5.47 24.43
CA THR B 390 2.86 6.56 24.65
C THR B 390 2.89 6.98 26.11
N THR B 391 2.87 6.01 27.03
CA THR B 391 2.92 6.33 28.45
C THR B 391 4.18 7.14 28.75
N HIS B 392 5.28 6.79 28.10
CA HIS B 392 6.53 7.53 28.33
C HIS B 392 6.44 8.97 27.87
N PHE B 393 6.09 9.18 26.60
CA PHE B 393 6.03 10.52 26.05
C PHE B 393 4.93 11.43 26.61
N LEU B 394 3.95 10.85 27.29
CA LEU B 394 2.89 11.64 27.89
C LEU B 394 3.43 12.31 29.15
N GLN B 395 4.61 11.89 29.58
CA GLN B 395 5.28 12.45 30.76
C GLN B 395 5.74 13.85 30.38
N LYS B 396 6.10 14.00 29.11
CA LYS B 396 6.57 15.27 28.58
C LYS B 396 5.38 16.07 28.04
N PRO B 397 5.48 17.40 28.07
CA PRO B 397 4.39 18.24 27.57
C PRO B 397 4.54 18.43 26.05
N VAL B 398 3.43 18.70 25.39
CA VAL B 398 3.46 18.95 23.95
C VAL B 398 4.34 20.18 23.72
N PRO B 399 5.30 20.09 22.79
CA PRO B 399 6.16 21.26 22.54
C PRO B 399 5.32 22.51 22.29
N GLY B 400 5.74 23.62 22.88
CA GLY B 400 4.99 24.86 22.72
C GLY B 400 5.51 25.82 21.68
N PHE B 401 6.79 25.68 21.32
CA PHE B 401 7.41 26.56 20.33
C PHE B 401 7.59 27.98 20.87
ZN ZN C . 4.47 -7.16 -1.65
C1 FPP D . 1.23 -0.18 -6.43
O1 FPP D . 2.44 -0.95 -6.69
C2 FPP D . 1.21 0.34 -5.01
C3 FPP D . 1.65 1.58 -4.66
C4 FPP D . 2.38 2.44 -5.66
C5 FPP D . 1.42 2.13 -3.26
C6 FPP D . 1.66 1.06 -2.17
C7 FPP D . 1.54 1.67 -0.78
C8 FPP D . 1.76 0.97 0.35
C10 FPP D . 2.10 -0.50 0.30
C9 FPP D . 1.69 1.66 1.69
C11 FPP D . 3.09 1.95 2.22
C12 FPP D . 3.00 2.51 3.62
C13 FPP D . 3.89 3.39 4.11
C14 FPP D . 3.72 3.94 5.51
C15 FPP D . 5.07 3.83 3.28
PA FPP D . 2.34 -2.24 -7.59
O1A FPP D . 3.68 -2.71 -8.08
O2A FPP D . 1.40 -1.83 -8.76
O3A FPP D . 1.58 -3.35 -6.79
PB FPP D . 0.17 -4.03 -6.95
O1B FPP D . 0.18 -4.59 -8.39
O2B FPP D . -0.07 -5.08 -5.92
O3B FPP D . -0.83 -2.85 -6.87
C1 PB9 E . 11.49 -5.09 -1.17
C2 PB9 E . 10.46 -4.62 -2.02
C3 PB9 E . 9.76 -3.39 -1.76
C4 PB9 E . 10.09 -2.68 -0.58
C5 PB9 E . 11.17 -3.13 0.23
C6 PB9 E . 11.85 -4.34 -0.05
N10 PB9 E . 8.77 -2.90 -2.65
C11 PB9 E . 7.99 -1.68 -2.35
C12 PB9 E . 8.63 -0.72 -1.35
C13 PB9 E . 9.29 -1.46 -0.16
C18 PB9 E . 12.89 -4.84 0.83
N19 PB9 E . 13.69 -5.26 1.55
N20 PB9 E . 7.72 0.43 -0.96
S22 PB9 E . 6.02 0.30 -0.33
C23 PB9 E . 5.06 -0.53 -1.57
O24 PB9 E . 5.51 1.63 -0.22
O25 PB9 E . 6.12 -0.52 0.85
N26 PB9 E . 4.45 -1.71 -1.26
C27 PB9 E . 3.84 -2.41 -2.26
C28 PB9 E . 3.86 -1.97 -3.61
C29 PB9 E . 4.42 -0.71 -3.89
C30 PB9 E . 5.02 0.04 -2.85
C35 PB9 E . 8.27 1.75 -1.22
C36 PB9 E . 8.46 2.70 -0.05
C39 PB9 E . 9.49 2.24 1.01
C40 PB9 E . 9.81 3.35 2.03
N41 PB9 E . 10.02 4.65 1.38
C42 PB9 E . 9.01 5.08 0.39
C43 PB9 E . 8.86 4.03 -0.68
C53 PB9 E . 11.12 5.44 1.63
O54 PB9 E . 11.20 6.57 0.93
O55 PB9 E . 11.96 5.11 2.42
C56 PB9 E . 12.00 7.64 1.45
C60 PB9 E . 8.41 -3.58 -3.91
C61 PB9 E . 7.17 -4.47 -3.75
C64 PB9 E . 6.52 -4.84 -2.60
N65 PB9 E . 5.39 -5.73 -2.92
C66 PB9 E . 5.41 -5.85 -4.26
N67 PB9 E . 6.43 -5.14 -4.84
C68 PB9 E . 6.78 -5.07 -6.27
#